data_2MJG
#
_entry.id   2MJG
#
_entity_poly.entity_id   1
_entity_poly.type   'polypeptide(L)'
_entity_poly.pdbx_seq_one_letter_code
;MNCMTCQVTGEVSDDNLKLAGGKLVLSKEGAEQIISEIQNQLQNLK
;
_entity_poly.pdbx_strand_id   A,B
#
# COMPACT_ATOMS: atom_id res chain seq x y z
N MET A 1 -24.60 4.29 -7.90
CA MET A 1 -24.16 5.17 -9.02
C MET A 1 -23.36 4.39 -10.06
N ASN A 2 -22.11 4.00 -9.76
CA ASN A 2 -21.22 3.26 -10.65
C ASN A 2 -20.49 2.12 -9.90
N CYS A 3 -20.01 1.11 -10.64
CA CYS A 3 -19.30 -0.04 -10.07
C CYS A 3 -17.88 0.31 -9.59
N MET A 4 -17.40 -0.39 -8.57
CA MET A 4 -16.02 -0.27 -8.08
C MET A 4 -15.02 -0.92 -9.03
N THR A 5 -14.09 -0.12 -9.56
CA THR A 5 -13.01 -0.55 -10.46
C THR A 5 -11.73 0.26 -10.20
N CYS A 6 -10.58 -0.31 -10.55
CA CYS A 6 -9.28 0.35 -10.46
C CYS A 6 -9.20 1.60 -11.34
N GLN A 7 -8.88 2.77 -10.78
CA GLN A 7 -8.65 3.99 -11.60
C GLN A 7 -7.23 4.05 -12.19
N VAL A 8 -6.30 3.22 -11.71
CA VAL A 8 -4.89 3.15 -12.17
C VAL A 8 -4.67 2.09 -13.27
N THR A 9 -5.51 1.07 -13.33
CA THR A 9 -5.39 -0.06 -14.29
C THR A 9 -6.69 -0.35 -15.05
N GLY A 10 -7.84 -0.15 -14.39
CA GLY A 10 -9.17 -0.41 -14.96
C GLY A 10 -9.76 -1.78 -14.60
N GLU A 11 -9.07 -2.54 -13.74
CA GLU A 11 -9.52 -3.86 -13.27
C GLU A 11 -10.50 -3.78 -12.09
N VAL A 12 -11.47 -4.68 -12.09
CA VAL A 12 -12.50 -4.83 -11.04
C VAL A 12 -12.36 -6.18 -10.34
N SER A 13 -12.43 -6.18 -9.00
CA SER A 13 -12.51 -7.40 -8.19
C SER A 13 -13.61 -7.39 -7.13
N ASP A 14 -14.04 -8.58 -6.71
CA ASP A 14 -15.05 -8.86 -5.69
C ASP A 14 -14.60 -8.44 -4.27
N ASP A 15 -13.28 -8.46 -4.03
CA ASP A 15 -12.64 -7.89 -2.84
C ASP A 15 -11.58 -6.86 -3.24
N ASN A 16 -12.03 -5.87 -4.02
CA ASN A 16 -11.20 -4.77 -4.52
C ASN A 16 -10.50 -3.99 -3.40
N LEU A 17 -9.29 -3.53 -3.73
CA LEU A 17 -8.29 -2.92 -2.85
C LEU A 17 -8.46 -1.39 -2.79
N LYS A 18 -7.88 -0.74 -1.78
CA LYS A 18 -8.01 0.72 -1.59
C LYS A 18 -6.66 1.41 -1.30
N LEU A 19 -6.57 2.70 -1.66
CA LEU A 19 -5.35 3.52 -1.64
C LEU A 19 -4.80 3.78 -0.21
N ALA A 20 -3.63 4.44 -0.11
CA ALA A 20 -2.99 4.80 1.15
C ALA A 20 -3.86 5.70 2.06
N GLY A 21 -3.37 6.04 3.27
CA GLY A 21 -4.08 6.94 4.19
C GLY A 21 -3.11 7.57 5.19
N GLY A 22 -2.39 6.72 5.93
CA GLY A 22 -1.21 7.05 6.73
C GLY A 22 -1.31 6.59 8.19
N LYS A 23 -1.69 5.32 8.39
CA LYS A 23 -2.20 4.80 9.68
C LYS A 23 -1.11 4.47 10.72
N LEU A 24 0.06 3.98 10.28
CA LEU A 24 1.25 3.70 11.10
C LEU A 24 2.52 3.72 10.22
N VAL A 25 3.71 3.90 10.79
CA VAL A 25 4.97 4.01 10.04
C VAL A 25 5.61 2.64 9.74
N LEU A 26 6.01 2.49 8.48
CA LEU A 26 6.74 1.37 7.89
C LEU A 26 7.94 1.89 7.08
N SER A 27 8.95 1.06 6.82
CA SER A 27 10.00 1.36 5.84
C SER A 27 9.69 0.68 4.51
N LYS A 28 10.61 0.73 3.54
CA LYS A 28 10.47 0.14 2.19
C LYS A 28 9.94 -1.30 2.24
N GLU A 29 10.54 -2.07 3.15
CA GLU A 29 10.26 -3.51 3.30
C GLU A 29 8.92 -3.74 4.02
N GLY A 30 8.61 -2.90 5.00
CA GLY A 30 7.29 -2.92 5.62
C GLY A 30 6.18 -2.57 4.63
N ALA A 31 6.33 -1.52 3.82
CA ALA A 31 5.30 -1.12 2.87
C ALA A 31 5.05 -2.23 1.84
N GLU A 32 6.13 -2.83 1.33
CA GLU A 32 5.90 -4.00 0.44
C GLU A 32 5.28 -5.22 1.17
N GLN A 33 5.56 -5.38 2.47
CA GLN A 33 4.85 -6.40 3.25
C GLN A 33 3.35 -6.09 3.34
N ILE A 34 2.95 -4.81 3.44
CA ILE A 34 1.53 -4.44 3.30
C ILE A 34 1.03 -4.86 1.92
N ILE A 35 1.80 -4.66 0.84
CA ILE A 35 1.36 -5.18 -0.48
C ILE A 35 1.08 -6.68 -0.46
N SER A 36 1.89 -7.45 0.25
CA SER A 36 1.66 -8.88 0.43
C SER A 36 0.34 -9.11 1.16
N GLU A 37 0.06 -8.37 2.24
CA GLU A 37 -1.24 -8.45 2.93
C GLU A 37 -2.41 -8.05 2.01
N ILE A 38 -2.29 -6.92 1.30
CA ILE A 38 -3.34 -6.35 0.44
C ILE A 38 -3.69 -7.31 -0.71
N GLN A 39 -2.69 -7.69 -1.50
CA GLN A 39 -2.88 -8.62 -2.61
C GLN A 39 -3.37 -9.99 -2.10
N ASN A 40 -2.95 -10.42 -0.91
CA ASN A 40 -3.51 -11.61 -0.26
C ASN A 40 -5.00 -11.46 0.12
N GLN A 41 -5.47 -10.29 0.57
CA GLN A 41 -6.89 -10.08 0.83
C GLN A 41 -7.68 -10.22 -0.48
N LEU A 42 -7.23 -9.59 -1.56
CA LEU A 42 -7.89 -9.79 -2.86
C LEU A 42 -7.87 -11.25 -3.34
N GLN A 43 -6.75 -11.95 -3.13
CA GLN A 43 -6.56 -13.32 -3.63
C GLN A 43 -7.34 -14.39 -2.83
N ASN A 44 -7.58 -14.18 -1.53
CA ASN A 44 -8.25 -15.16 -0.65
C ASN A 44 -9.80 -15.13 -0.71
N LEU A 45 -10.39 -14.28 -1.57
CA LEU A 45 -11.84 -14.12 -1.73
C LEU A 45 -12.24 -14.02 -3.21
N LYS A 46 -11.89 -15.06 -3.99
CA LYS A 46 -12.19 -15.23 -5.42
C LYS A 46 -12.99 -16.52 -5.69
N MET B 1 12.33 8.76 24.97
CA MET B 1 12.64 9.13 23.57
C MET B 1 12.10 8.07 22.61
N ASN B 2 11.65 8.47 21.41
CA ASN B 2 11.17 7.59 20.34
C ASN B 2 11.62 8.07 18.94
N CYS B 3 11.52 7.19 17.93
CA CYS B 3 11.85 7.48 16.53
C CYS B 3 10.92 6.72 15.58
N MET B 4 10.75 7.22 14.35
CA MET B 4 9.90 6.60 13.31
C MET B 4 10.56 5.35 12.73
N THR B 5 10.11 4.17 13.19
CA THR B 5 10.58 2.85 12.77
C THR B 5 9.43 1.99 12.27
N CYS B 6 9.73 1.05 11.38
CA CYS B 6 8.79 0.08 10.84
C CYS B 6 8.27 -0.87 11.92
N GLN B 7 6.95 -0.91 12.15
CA GLN B 7 6.35 -1.86 13.11
C GLN B 7 6.31 -3.32 12.59
N VAL B 8 6.47 -3.52 11.28
CA VAL B 8 6.39 -4.85 10.60
C VAL B 8 7.77 -5.49 10.34
N THR B 9 8.83 -4.68 10.26
CA THR B 9 10.22 -5.12 9.97
C THR B 9 11.26 -4.60 10.97
N GLY B 10 11.03 -3.40 11.51
CA GLY B 10 11.95 -2.73 12.45
C GLY B 10 12.96 -1.79 11.78
N GLU B 11 12.84 -1.54 10.48
CA GLU B 11 13.69 -0.60 9.75
C GLU B 11 13.26 0.87 9.93
N VAL B 12 14.26 1.75 10.03
CA VAL B 12 14.10 3.20 10.26
C VAL B 12 14.76 4.01 9.14
N SER B 13 13.94 4.76 8.40
CA SER B 13 14.32 5.64 7.29
C SER B 13 13.88 7.09 7.54
N ASP B 14 14.60 8.06 6.97
CA ASP B 14 14.26 9.49 7.07
C ASP B 14 13.06 9.90 6.20
N ASP B 15 12.84 9.16 5.10
CA ASP B 15 11.78 9.34 4.10
C ASP B 15 10.57 8.41 4.35
N ASN B 16 10.40 7.93 5.58
CA ASN B 16 9.62 6.74 5.94
C ASN B 16 8.16 6.70 5.46
N LEU B 17 7.71 5.47 5.17
CA LEU B 17 6.43 5.10 4.57
C LEU B 17 5.32 4.92 5.61
N LYS B 18 4.07 5.02 5.20
CA LYS B 18 2.89 4.89 6.10
C LYS B 18 1.81 3.95 5.55
N LEU B 19 1.09 3.32 6.47
CA LEU B 19 0.09 2.27 6.25
C LEU B 19 -1.22 2.81 5.63
N ALA B 20 -2.01 1.92 5.03
CA ALA B 20 -3.14 2.29 4.16
C ALA B 20 -4.43 2.66 4.93
N GLY B 21 -5.35 3.38 4.28
CA GLY B 21 -6.63 3.81 4.88
C GLY B 21 -7.80 3.90 3.91
N GLY B 22 -7.54 4.15 2.62
CA GLY B 22 -8.48 3.92 1.52
C GLY B 22 -9.15 5.18 0.96
N LYS B 23 -8.41 5.93 0.13
CA LYS B 23 -8.92 7.14 -0.55
C LYS B 23 -9.63 6.87 -1.89
N LEU B 24 -9.27 5.79 -2.57
CA LEU B 24 -9.80 5.38 -3.88
C LEU B 24 -9.68 3.86 -4.07
N VAL B 25 -10.49 3.26 -4.96
CA VAL B 25 -10.47 1.83 -5.27
C VAL B 25 -9.50 1.47 -6.39
N LEU B 26 -8.72 0.43 -6.13
CA LEU B 26 -7.74 -0.21 -7.00
C LEU B 26 -7.93 -1.73 -7.01
N SER B 27 -7.45 -2.45 -8.03
CA SER B 27 -7.40 -3.92 -8.03
C SER B 27 -5.98 -4.38 -7.64
N LYS B 28 -5.69 -5.68 -7.75
CA LYS B 28 -4.41 -6.32 -7.40
C LYS B 28 -3.22 -5.56 -8.02
N GLU B 29 -3.38 -5.20 -9.29
CA GLU B 29 -2.34 -4.53 -10.07
C GLU B 29 -2.27 -3.03 -9.75
N GLY B 30 -3.42 -2.39 -9.48
CA GLY B 30 -3.43 -1.02 -8.99
C GLY B 30 -2.74 -0.91 -7.63
N ALA B 31 -3.06 -1.78 -6.67
CA ALA B 31 -2.43 -1.75 -5.35
C ALA B 31 -0.92 -1.95 -5.47
N GLU B 32 -0.49 -2.91 -6.29
CA GLU B 32 0.97 -3.08 -6.46
C GLU B 32 1.63 -1.85 -7.14
N GLN B 33 0.90 -1.15 -8.04
CA GLN B 33 1.39 0.09 -8.64
C GLN B 33 1.51 1.24 -7.63
N ILE B 34 0.61 1.29 -6.63
CA ILE B 34 0.79 2.20 -5.48
C ILE B 34 2.06 1.81 -4.73
N ILE B 35 2.32 0.52 -4.48
CA ILE B 35 3.58 0.16 -3.82
C ILE B 35 4.82 0.49 -4.63
N SER B 36 4.74 0.49 -5.95
CA SER B 36 5.79 1.07 -6.79
C SER B 36 5.96 2.56 -6.46
N GLU B 37 4.86 3.34 -6.39
CA GLU B 37 4.92 4.76 -6.01
C GLU B 37 5.45 4.96 -4.58
N ILE B 38 4.98 4.18 -3.60
CA ILE B 38 5.40 4.28 -2.20
C ILE B 38 6.91 3.96 -2.07
N GLN B 39 7.35 2.82 -2.57
CA GLN B 39 8.76 2.42 -2.46
C GLN B 39 9.68 3.39 -3.22
N ASN B 40 9.19 3.96 -4.34
CA ASN B 40 9.87 5.03 -5.06
C ASN B 40 9.96 6.32 -4.21
N GLN B 41 8.95 6.68 -3.42
CA GLN B 41 9.01 7.83 -2.50
C GLN B 41 10.03 7.62 -1.38
N LEU B 42 10.14 6.39 -0.82
CA LEU B 42 11.22 6.04 0.13
C LEU B 42 12.60 6.16 -0.54
N GLN B 43 12.72 5.72 -1.79
CA GLN B 43 13.97 5.77 -2.55
C GLN B 43 14.41 7.21 -2.88
N ASN B 44 13.47 8.07 -3.31
CA ASN B 44 13.64 9.52 -3.47
C ASN B 44 12.27 10.24 -3.44
N LEU B 45 12.09 11.21 -2.54
CA LEU B 45 10.84 11.98 -2.44
C LEU B 45 10.59 12.86 -3.68
N LYS B 46 9.37 12.82 -4.22
CA LYS B 46 8.93 13.58 -5.41
C LYS B 46 8.68 15.06 -5.09
N MET A 1 -25.51 4.08 -9.74
CA MET A 1 -24.29 3.75 -8.96
C MET A 1 -23.22 3.13 -9.87
N ASN A 2 -21.96 3.55 -9.71
CA ASN A 2 -20.81 3.02 -10.46
C ASN A 2 -20.33 1.66 -9.93
N CYS A 3 -19.56 0.92 -10.75
CA CYS A 3 -18.78 -0.23 -10.30
C CYS A 3 -17.55 0.19 -9.50
N MET A 4 -17.03 -0.71 -8.65
CA MET A 4 -15.80 -0.50 -7.89
C MET A 4 -14.59 -0.97 -8.72
N THR A 5 -14.06 -0.05 -9.51
CA THR A 5 -13.03 -0.26 -10.54
C THR A 5 -11.71 0.43 -10.18
N CYS A 6 -10.61 -0.19 -10.60
CA CYS A 6 -9.28 0.38 -10.44
C CYS A 6 -9.10 1.67 -11.25
N GLN A 7 -8.81 2.82 -10.61
CA GLN A 7 -8.52 4.05 -11.37
C GLN A 7 -7.13 4.03 -12.07
N VAL A 8 -6.20 3.19 -11.60
CA VAL A 8 -4.81 3.11 -12.11
C VAL A 8 -4.63 2.05 -13.23
N THR A 9 -5.52 1.06 -13.30
CA THR A 9 -5.44 -0.05 -14.28
C THR A 9 -6.75 -0.31 -15.03
N GLY A 10 -7.88 -0.06 -14.36
CA GLY A 10 -9.24 -0.29 -14.90
C GLY A 10 -9.83 -1.65 -14.55
N GLU A 11 -9.11 -2.46 -13.75
CA GLU A 11 -9.57 -3.77 -13.28
C GLU A 11 -10.54 -3.66 -12.09
N VAL A 12 -11.56 -4.51 -12.06
CA VAL A 12 -12.55 -4.63 -10.98
C VAL A 12 -12.36 -5.96 -10.25
N SER A 13 -12.23 -5.94 -8.93
CA SER A 13 -12.32 -7.11 -8.04
C SER A 13 -13.47 -6.97 -7.04
N ASP A 14 -14.07 -8.10 -6.64
CA ASP A 14 -15.06 -8.14 -5.55
C ASP A 14 -14.45 -7.69 -4.21
N ASP A 15 -13.16 -7.99 -4.03
CA ASP A 15 -12.36 -7.77 -2.82
C ASP A 15 -11.84 -6.33 -2.69
N ASN A 16 -11.97 -5.52 -3.75
CA ASN A 16 -11.73 -4.08 -3.85
C ASN A 16 -10.62 -3.53 -2.93
N LEU A 17 -9.36 -3.58 -3.40
CA LEU A 17 -8.20 -3.01 -2.74
C LEU A 17 -8.28 -1.48 -2.75
N LYS A 18 -7.61 -0.80 -1.82
CA LYS A 18 -7.79 0.65 -1.62
C LYS A 18 -6.50 1.44 -1.34
N LEU A 19 -6.49 2.72 -1.75
CA LEU A 19 -5.35 3.64 -1.75
C LEU A 19 -4.92 4.09 -0.34
N ALA A 20 -3.65 4.45 -0.20
CA ALA A 20 -2.99 4.68 1.10
C ALA A 20 -3.29 6.07 1.72
N GLY A 21 -3.16 6.21 3.04
CA GLY A 21 -3.51 7.45 3.75
C GLY A 21 -2.64 7.75 4.98
N GLY A 22 -2.19 6.71 5.69
CA GLY A 22 -1.07 6.77 6.63
C GLY A 22 -1.43 6.53 8.09
N LYS A 23 -1.86 5.30 8.44
CA LYS A 23 -2.29 4.95 9.81
C LYS A 23 -1.14 4.75 10.81
N LEU A 24 -0.02 4.19 10.36
CA LEU A 24 1.19 3.88 11.16
C LEU A 24 2.43 3.80 10.27
N VAL A 25 3.64 3.95 10.82
CA VAL A 25 4.90 4.02 10.07
C VAL A 25 5.52 2.66 9.76
N LEU A 26 5.94 2.53 8.51
CA LEU A 26 6.64 1.40 7.89
C LEU A 26 7.87 1.91 7.10
N SER A 27 8.84 1.04 6.81
CA SER A 27 9.91 1.33 5.84
C SER A 27 9.60 0.65 4.51
N LYS A 28 10.53 0.69 3.56
CA LYS A 28 10.41 0.09 2.20
C LYS A 28 9.89 -1.35 2.27
N GLU A 29 10.46 -2.10 3.20
CA GLU A 29 10.16 -3.52 3.40
C GLU A 29 8.80 -3.72 4.06
N GLY A 30 8.44 -2.87 5.03
CA GLY A 30 7.12 -2.89 5.63
C GLY A 30 6.03 -2.53 4.63
N ALA A 31 6.21 -1.49 3.81
CA ALA A 31 5.20 -1.07 2.83
C ALA A 31 4.98 -2.20 1.81
N GLU A 32 6.06 -2.82 1.33
CA GLU A 32 5.85 -3.99 0.45
C GLU A 32 5.22 -5.19 1.18
N GLN A 33 5.48 -5.36 2.49
CA GLN A 33 4.78 -6.37 3.27
C GLN A 33 3.28 -6.07 3.37
N ILE A 34 2.86 -4.80 3.43
CA ILE A 34 1.44 -4.43 3.27
C ILE A 34 0.96 -4.85 1.89
N ILE A 35 1.74 -4.66 0.81
CA ILE A 35 1.31 -5.20 -0.51
C ILE A 35 1.04 -6.70 -0.47
N SER A 36 1.87 -7.45 0.23
CA SER A 36 1.66 -8.88 0.42
C SER A 36 0.35 -9.13 1.18
N GLU A 37 0.04 -8.37 2.24
CA GLU A 37 -1.27 -8.48 2.92
C GLU A 37 -2.43 -8.09 1.98
N ILE A 38 -2.32 -6.97 1.26
CA ILE A 38 -3.38 -6.43 0.39
C ILE A 38 -3.70 -7.39 -0.76
N GLN A 39 -2.68 -7.77 -1.53
CA GLN A 39 -2.85 -8.72 -2.62
C GLN A 39 -3.30 -10.09 -2.10
N ASN A 40 -2.88 -10.49 -0.89
CA ASN A 40 -3.43 -11.67 -0.22
C ASN A 40 -4.92 -11.53 0.15
N GLN A 41 -5.43 -10.33 0.50
CA GLN A 41 -6.87 -10.13 0.69
C GLN A 41 -7.63 -10.31 -0.62
N LEU A 42 -7.06 -9.85 -1.76
CA LEU A 42 -7.67 -10.13 -3.07
C LEU A 42 -7.55 -11.61 -3.53
N GLN A 43 -6.46 -12.30 -3.15
CA GLN A 43 -6.13 -13.63 -3.65
C GLN A 43 -6.71 -14.80 -2.83
N ASN A 44 -6.71 -14.70 -1.49
CA ASN A 44 -6.86 -15.84 -0.58
C ASN A 44 -8.20 -15.89 0.18
N LEU A 45 -9.06 -14.87 0.06
CA LEU A 45 -10.35 -14.79 0.77
C LEU A 45 -11.56 -15.31 -0.05
N LYS A 46 -11.30 -15.87 -1.24
CA LYS A 46 -12.30 -16.35 -2.21
C LYS A 46 -11.99 -17.75 -2.78
N MET B 1 8.25 13.29 20.79
CA MET B 1 7.93 12.35 19.68
C MET B 1 9.00 11.25 19.60
N ASN B 2 8.58 9.98 19.46
CA ASN B 2 9.49 8.84 19.29
C ASN B 2 10.04 8.74 17.85
N CYS B 3 11.14 8.01 17.65
CA CYS B 3 11.74 7.78 16.33
C CYS B 3 10.79 6.95 15.42
N MET B 4 10.73 7.32 14.14
CA MET B 4 9.87 6.68 13.14
C MET B 4 10.51 5.42 12.55
N THR B 5 10.11 4.26 13.07
CA THR B 5 10.56 2.93 12.64
C THR B 5 9.38 2.07 12.19
N CYS B 6 9.64 1.12 11.30
CA CYS B 6 8.67 0.15 10.83
C CYS B 6 8.12 -0.75 11.95
N GLN B 7 6.81 -0.77 12.15
CA GLN B 7 6.18 -1.68 13.13
C GLN B 7 6.08 -3.14 12.62
N VAL B 8 6.21 -3.37 11.30
CA VAL B 8 6.09 -4.70 10.65
C VAL B 8 7.46 -5.38 10.43
N THR B 9 8.56 -4.61 10.34
CA THR B 9 9.92 -5.12 10.06
C THR B 9 10.97 -4.61 11.05
N GLY B 10 10.80 -3.38 11.56
CA GLY B 10 11.73 -2.73 12.48
C GLY B 10 12.79 -1.85 11.78
N GLU B 11 12.67 -1.64 10.47
CA GLU B 11 13.55 -0.75 9.69
C GLU B 11 13.15 0.73 9.81
N VAL B 12 14.15 1.60 9.86
CA VAL B 12 14.00 3.06 9.97
C VAL B 12 14.62 3.77 8.75
N SER B 13 13.84 4.68 8.15
CA SER B 13 14.32 5.66 7.17
C SER B 13 13.92 7.10 7.58
N ASP B 14 14.67 8.10 7.14
CA ASP B 14 14.26 9.51 7.20
C ASP B 14 13.13 9.84 6.21
N ASP B 15 12.97 9.01 5.16
CA ASP B 15 11.95 9.07 4.12
C ASP B 15 10.83 8.02 4.32
N ASN B 16 10.53 7.70 5.58
CA ASN B 16 9.66 6.60 5.98
C ASN B 16 8.23 6.63 5.41
N LEU B 17 7.69 5.42 5.21
CA LEU B 17 6.41 5.08 4.60
C LEU B 17 5.32 4.91 5.65
N LYS B 18 4.03 4.89 5.24
CA LYS B 18 2.89 4.74 6.16
C LYS B 18 1.76 3.84 5.61
N LEU B 19 1.00 3.24 6.54
CA LEU B 19 0.01 2.19 6.30
C LEU B 19 -1.26 2.67 5.58
N ALA B 20 -2.00 1.74 4.98
CA ALA B 20 -3.09 2.03 4.05
C ALA B 20 -4.35 2.59 4.74
N GLY B 21 -4.95 3.63 4.19
CA GLY B 21 -6.13 4.32 4.77
C GLY B 21 -7.46 3.88 4.13
N GLY B 22 -7.48 3.84 2.79
CA GLY B 22 -8.58 3.39 1.94
C GLY B 22 -9.29 4.53 1.20
N LYS B 23 -8.54 5.34 0.45
CA LYS B 23 -9.05 6.61 -0.15
C LYS B 23 -9.80 6.45 -1.48
N LEU B 24 -9.40 5.50 -2.32
CA LEU B 24 -10.00 5.16 -3.62
C LEU B 24 -9.75 3.69 -3.96
N VAL B 25 -10.56 3.09 -4.84
CA VAL B 25 -10.49 1.66 -5.18
C VAL B 25 -9.51 1.36 -6.32
N LEU B 26 -8.71 0.33 -6.08
CA LEU B 26 -7.74 -0.30 -6.97
C LEU B 26 -7.94 -1.82 -6.98
N SER B 27 -7.48 -2.52 -8.02
CA SER B 27 -7.39 -3.97 -8.06
C SER B 27 -5.98 -4.43 -7.70
N LYS B 28 -5.67 -5.72 -7.86
CA LYS B 28 -4.38 -6.36 -7.54
C LYS B 28 -3.19 -5.58 -8.11
N GLU B 29 -3.34 -5.18 -9.37
CA GLU B 29 -2.28 -4.50 -10.11
C GLU B 29 -2.24 -3.00 -9.80
N GLY B 30 -3.40 -2.39 -9.53
CA GLY B 30 -3.43 -1.04 -9.01
C GLY B 30 -2.75 -0.93 -7.64
N ALA B 31 -3.07 -1.82 -6.70
CA ALA B 31 -2.45 -1.82 -5.37
C ALA B 31 -0.94 -1.99 -5.49
N GLU B 32 -0.49 -2.95 -6.32
CA GLU B 32 0.97 -3.11 -6.46
C GLU B 32 1.64 -1.88 -7.14
N GLN B 33 0.93 -1.19 -8.05
CA GLN B 33 1.42 0.06 -8.66
C GLN B 33 1.52 1.20 -7.63
N ILE B 34 0.61 1.27 -6.65
CA ILE B 34 0.79 2.20 -5.52
C ILE B 34 2.06 1.81 -4.76
N ILE B 35 2.29 0.53 -4.49
CA ILE B 35 3.55 0.15 -3.81
C ILE B 35 4.81 0.49 -4.60
N SER B 36 4.74 0.45 -5.93
CA SER B 36 5.80 0.99 -6.77
C SER B 36 5.98 2.49 -6.46
N GLU B 37 4.91 3.28 -6.43
CA GLU B 37 4.99 4.71 -6.08
C GLU B 37 5.52 4.93 -4.64
N ILE B 38 5.02 4.20 -3.65
CA ILE B 38 5.40 4.32 -2.24
C ILE B 38 6.90 4.02 -2.05
N GLN B 39 7.35 2.87 -2.54
CA GLN B 39 8.75 2.47 -2.42
C GLN B 39 9.68 3.43 -3.19
N ASN B 40 9.20 3.95 -4.32
CA ASN B 40 9.89 5.04 -5.03
C ASN B 40 9.89 6.37 -4.24
N GLN B 41 8.90 6.67 -3.40
CA GLN B 41 8.91 7.88 -2.58
C GLN B 41 9.91 7.77 -1.42
N LEU B 42 10.10 6.57 -0.86
CA LEU B 42 11.25 6.34 0.03
C LEU B 42 12.60 6.46 -0.71
N GLN B 43 12.67 5.93 -1.93
CA GLN B 43 13.92 5.90 -2.71
C GLN B 43 14.38 7.28 -3.23
N ASN B 44 13.49 8.06 -3.86
CA ASN B 44 13.85 9.35 -4.50
C ASN B 44 12.66 10.31 -4.77
N LEU B 45 11.46 9.79 -5.07
CA LEU B 45 10.35 10.54 -5.68
C LEU B 45 9.68 11.53 -4.69
N LYS B 46 9.84 12.83 -4.95
CA LYS B 46 9.26 13.94 -4.18
C LYS B 46 8.76 15.07 -5.09
N MET A 1 -20.17 4.43 -15.63
CA MET A 1 -20.86 3.52 -14.67
C MET A 1 -20.37 3.78 -13.23
N ASN A 2 -21.21 3.46 -12.23
CA ASN A 2 -20.93 3.69 -10.80
C ASN A 2 -20.20 2.52 -10.10
N CYS A 3 -19.88 1.44 -10.82
CA CYS A 3 -19.24 0.24 -10.27
C CYS A 3 -17.81 0.48 -9.78
N MET A 4 -17.37 -0.28 -8.77
CA MET A 4 -16.01 -0.23 -8.23
C MET A 4 -15.00 -0.85 -9.22
N THR A 5 -14.04 -0.04 -9.68
CA THR A 5 -12.93 -0.42 -10.56
C THR A 5 -11.67 0.36 -10.23
N CYS A 6 -10.50 -0.19 -10.58
CA CYS A 6 -9.21 0.45 -10.39
C CYS A 6 -9.08 1.73 -11.23
N GLN A 7 -8.78 2.87 -10.60
CA GLN A 7 -8.52 4.11 -11.37
C GLN A 7 -7.09 4.18 -11.95
N VAL A 8 -6.16 3.34 -11.46
CA VAL A 8 -4.74 3.29 -11.88
C VAL A 8 -4.50 2.25 -13.01
N THR A 9 -5.37 1.25 -13.15
CA THR A 9 -5.24 0.15 -14.14
C THR A 9 -6.51 -0.11 -14.94
N GLY A 10 -7.68 0.08 -14.32
CA GLY A 10 -8.99 -0.17 -14.92
C GLY A 10 -9.58 -1.55 -14.63
N GLU A 11 -8.92 -2.35 -13.76
CA GLU A 11 -9.39 -3.68 -13.35
C GLU A 11 -10.39 -3.64 -12.19
N VAL A 12 -11.36 -4.56 -12.25
CA VAL A 12 -12.45 -4.72 -11.26
C VAL A 12 -12.37 -6.09 -10.57
N SER A 13 -12.38 -6.08 -9.24
CA SER A 13 -12.51 -7.27 -8.38
C SER A 13 -13.52 -7.01 -7.26
N ASP A 14 -14.32 -8.02 -6.88
CA ASP A 14 -15.29 -7.91 -5.77
C ASP A 14 -14.61 -7.74 -4.40
N ASP A 15 -13.40 -8.29 -4.26
CA ASP A 15 -12.48 -8.15 -3.14
C ASP A 15 -11.63 -6.86 -3.24
N ASN A 16 -12.26 -5.75 -3.67
CA ASN A 16 -11.62 -4.49 -4.06
C ASN A 16 -10.61 -3.91 -3.05
N LEU A 17 -9.40 -3.62 -3.50
CA LEU A 17 -8.32 -2.98 -2.75
C LEU A 17 -8.48 -1.47 -2.74
N LYS A 18 -7.80 -0.77 -1.81
CA LYS A 18 -7.92 0.69 -1.66
C LYS A 18 -6.61 1.43 -1.36
N LEU A 19 -6.55 2.70 -1.77
CA LEU A 19 -5.38 3.59 -1.74
C LEU A 19 -4.95 4.02 -0.32
N ALA A 20 -3.69 4.38 -0.15
CA ALA A 20 -3.03 4.59 1.14
C ALA A 20 -3.29 5.97 1.77
N GLY A 21 -3.18 6.11 3.09
CA GLY A 21 -3.47 7.37 3.81
C GLY A 21 -2.59 7.63 5.05
N GLY A 22 -2.12 6.57 5.72
CA GLY A 22 -1.03 6.60 6.69
C GLY A 22 -1.46 6.40 8.14
N LYS A 23 -1.85 5.16 8.50
CA LYS A 23 -2.26 4.80 9.88
C LYS A 23 -1.08 4.59 10.84
N LEU A 24 0.04 4.05 10.36
CA LEU A 24 1.27 3.75 11.12
C LEU A 24 2.49 3.73 10.18
N VAL A 25 3.70 3.91 10.73
CA VAL A 25 4.95 4.01 9.96
C VAL A 25 5.61 2.64 9.70
N LEU A 26 6.01 2.47 8.45
CA LEU A 26 6.69 1.31 7.85
C LEU A 26 7.90 1.74 6.99
N SER A 27 8.86 0.85 6.76
CA SER A 27 9.98 1.06 5.84
C SER A 27 9.59 0.64 4.42
N LYS A 28 10.56 0.64 3.49
CA LYS A 28 10.45 0.02 2.16
C LYS A 28 9.92 -1.42 2.25
N GLU A 29 10.49 -2.17 3.19
CA GLU A 29 10.19 -3.59 3.37
C GLU A 29 8.87 -3.79 4.13
N GLY A 30 8.57 -2.91 5.09
CA GLY A 30 7.27 -2.89 5.73
C GLY A 30 6.16 -2.59 4.71
N ALA A 31 6.31 -1.56 3.87
CA ALA A 31 5.30 -1.20 2.88
C ALA A 31 5.07 -2.36 1.90
N GLU A 32 6.15 -2.99 1.42
CA GLU A 32 5.94 -4.13 0.51
C GLU A 32 5.27 -5.33 1.24
N GLN A 33 5.54 -5.52 2.54
CA GLN A 33 4.83 -6.53 3.33
C GLN A 33 3.33 -6.22 3.45
N ILE A 34 2.93 -4.96 3.61
CA ILE A 34 1.50 -4.60 3.55
C ILE A 34 0.95 -4.99 2.18
N ILE A 35 1.66 -4.70 1.09
CA ILE A 35 1.17 -5.12 -0.24
C ILE A 35 1.03 -6.63 -0.40
N SER A 36 1.89 -7.41 0.28
CA SER A 36 1.67 -8.85 0.39
C SER A 36 0.33 -9.12 1.09
N GLU A 37 0.03 -8.46 2.22
CA GLU A 37 -1.27 -8.62 2.90
C GLU A 37 -2.45 -8.14 2.02
N ILE A 38 -2.33 -7.00 1.34
CA ILE A 38 -3.38 -6.44 0.48
C ILE A 38 -3.69 -7.37 -0.70
N GLN A 39 -2.67 -7.75 -1.46
CA GLN A 39 -2.85 -8.62 -2.62
C GLN A 39 -3.35 -10.02 -2.20
N ASN A 40 -2.94 -10.49 -1.01
CA ASN A 40 -3.49 -11.70 -0.40
C ASN A 40 -4.96 -11.53 0.02
N GLN A 41 -5.40 -10.34 0.47
CA GLN A 41 -6.81 -10.09 0.80
C GLN A 41 -7.68 -10.14 -0.46
N LEU A 42 -7.20 -9.60 -1.60
CA LEU A 42 -7.90 -9.76 -2.88
C LEU A 42 -7.97 -11.22 -3.32
N GLN A 43 -6.86 -11.95 -3.21
CA GLN A 43 -6.78 -13.36 -3.63
C GLN A 43 -7.38 -14.35 -2.61
N ASN A 44 -7.75 -13.88 -1.42
CA ASN A 44 -8.22 -14.68 -0.27
C ASN A 44 -7.17 -15.74 0.17
N LEU A 45 -5.88 -15.39 0.04
CA LEU A 45 -4.74 -16.25 0.34
C LEU A 45 -4.38 -16.14 1.83
N LYS A 46 -4.67 -17.22 2.59
CA LYS A 46 -4.57 -17.29 4.07
C LYS A 46 -4.19 -18.70 4.54
N MET B 1 9.54 10.22 23.78
CA MET B 1 9.66 10.43 22.30
C MET B 1 10.56 9.35 21.69
N ASN B 2 10.18 8.84 20.51
CA ASN B 2 10.89 7.78 19.78
C ASN B 2 10.96 8.10 18.27
N CYS B 3 11.94 7.51 17.57
CA CYS B 3 12.13 7.68 16.12
C CYS B 3 11.05 6.95 15.29
N MET B 4 10.77 7.45 14.08
CA MET B 4 9.84 6.82 13.14
C MET B 4 10.45 5.56 12.49
N THR B 5 10.08 4.40 13.02
CA THR B 5 10.56 3.08 12.60
C THR B 5 9.43 2.18 12.14
N CYS B 6 9.73 1.21 11.28
CA CYS B 6 8.79 0.20 10.83
C CYS B 6 8.29 -0.71 11.98
N GLN B 7 6.98 -0.80 12.18
CA GLN B 7 6.40 -1.73 13.17
C GLN B 7 6.39 -3.20 12.69
N VAL B 8 6.50 -3.44 11.38
CA VAL B 8 6.43 -4.79 10.76
C VAL B 8 7.83 -5.41 10.54
N THR B 9 8.88 -4.59 10.41
CA THR B 9 10.27 -5.03 10.11
C THR B 9 11.30 -4.47 11.10
N GLY B 10 11.06 -3.25 11.59
CA GLY B 10 11.97 -2.55 12.51
C GLY B 10 12.98 -1.60 11.82
N GLU B 11 12.85 -1.39 10.51
CA GLU B 11 13.69 -0.48 9.73
C GLU B 11 13.21 0.98 9.79
N VAL B 12 14.18 1.89 9.84
CA VAL B 12 13.99 3.34 10.02
C VAL B 12 14.62 4.14 8.87
N SER B 13 13.81 5.00 8.25
CA SER B 13 14.26 5.97 7.22
C SER B 13 13.70 7.38 7.48
N ASP B 14 14.39 8.42 7.00
CA ASP B 14 13.87 9.80 7.03
C ASP B 14 12.69 10.00 6.05
N ASP B 15 12.69 9.24 4.95
CA ASP B 15 11.67 9.17 3.91
C ASP B 15 10.64 8.03 4.15
N ASN B 16 10.38 7.70 5.42
CA ASN B 16 9.57 6.54 5.82
C ASN B 16 8.12 6.52 5.27
N LEU B 17 7.64 5.30 5.08
CA LEU B 17 6.38 4.93 4.43
C LEU B 17 5.27 4.71 5.46
N LYS B 18 4.00 4.71 5.04
CA LYS B 18 2.85 4.67 5.96
C LYS B 18 1.71 3.74 5.50
N LEU B 19 0.98 3.18 6.46
CA LEU B 19 -0.01 2.11 6.27
C LEU B 19 -1.29 2.57 5.55
N ALA B 20 -2.04 1.62 4.99
CA ALA B 20 -3.16 1.90 4.08
C ALA B 20 -4.40 2.47 4.81
N GLY B 21 -5.03 3.51 4.24
CA GLY B 21 -6.20 4.18 4.82
C GLY B 21 -7.53 3.79 4.15
N GLY B 22 -7.53 3.85 2.81
CA GLY B 22 -8.61 3.41 1.93
C GLY B 22 -9.30 4.54 1.16
N LYS B 23 -8.53 5.36 0.43
CA LYS B 23 -9.03 6.65 -0.15
C LYS B 23 -9.75 6.52 -1.50
N LEU B 24 -9.36 5.55 -2.33
CA LEU B 24 -9.90 5.26 -3.67
C LEU B 24 -9.77 3.76 -3.96
N VAL B 25 -10.56 3.19 -4.88
CA VAL B 25 -10.53 1.75 -5.22
C VAL B 25 -9.52 1.42 -6.32
N LEU B 26 -8.78 0.34 -6.05
CA LEU B 26 -7.78 -0.31 -6.92
C LEU B 26 -8.02 -1.83 -6.95
N SER B 27 -7.55 -2.51 -8.00
CA SER B 27 -7.45 -3.97 -8.04
C SER B 27 -6.04 -4.42 -7.63
N LYS B 28 -5.73 -5.71 -7.74
CA LYS B 28 -4.43 -6.33 -7.39
C LYS B 28 -3.26 -5.56 -7.99
N GLU B 29 -3.42 -5.22 -9.27
CA GLU B 29 -2.38 -4.56 -10.05
C GLU B 29 -2.27 -3.07 -9.69
N GLY B 30 -3.40 -2.41 -9.41
CA GLY B 30 -3.39 -1.05 -8.89
C GLY B 30 -2.72 -0.96 -7.53
N ALA B 31 -3.03 -1.87 -6.59
CA ALA B 31 -2.44 -1.83 -5.25
C ALA B 31 -0.92 -2.03 -5.34
N GLU B 32 -0.47 -3.00 -6.15
CA GLU B 32 0.99 -3.11 -6.34
C GLU B 32 1.62 -1.91 -7.08
N GLN B 33 0.87 -1.22 -7.96
CA GLN B 33 1.35 0.01 -8.58
C GLN B 33 1.51 1.14 -7.54
N ILE B 34 0.63 1.19 -6.53
CA ILE B 34 0.87 2.03 -5.35
C ILE B 34 2.15 1.59 -4.63
N ILE B 35 2.43 0.29 -4.49
CA ILE B 35 3.74 -0.11 -3.92
C ILE B 35 4.92 0.44 -4.70
N SER B 36 4.82 0.49 -6.02
CA SER B 36 5.85 1.09 -6.87
C SER B 36 5.99 2.58 -6.53
N GLU B 37 4.87 3.31 -6.40
CA GLU B 37 4.89 4.72 -5.98
C GLU B 37 5.46 4.89 -4.56
N ILE B 38 5.01 4.09 -3.59
CA ILE B 38 5.42 4.15 -2.17
C ILE B 38 6.92 3.88 -2.01
N GLN B 39 7.40 2.73 -2.51
CA GLN B 39 8.81 2.39 -2.45
C GLN B 39 9.66 3.41 -3.23
N ASN B 40 9.14 3.98 -4.32
CA ASN B 40 9.77 5.09 -5.02
C ASN B 40 9.79 6.40 -4.20
N GLN B 41 8.81 6.66 -3.32
CA GLN B 41 8.85 7.84 -2.44
C GLN B 41 9.89 7.66 -1.32
N LEU B 42 10.13 6.43 -0.85
CA LEU B 42 11.32 6.22 0.01
C LEU B 42 12.65 6.37 -0.75
N GLN B 43 12.72 5.84 -1.98
CA GLN B 43 13.95 5.82 -2.79
C GLN B 43 14.35 7.18 -3.39
N ASN B 44 13.37 7.98 -3.83
CA ASN B 44 13.57 9.17 -4.68
C ASN B 44 12.67 10.36 -4.34
N LEU B 45 11.71 10.20 -3.39
CA LEU B 45 10.64 11.14 -3.01
C LEU B 45 9.61 11.51 -4.10
N LYS B 46 9.99 11.45 -5.39
CA LYS B 46 9.22 11.90 -6.56
C LYS B 46 9.27 10.90 -7.73
N MET A 1 -22.70 2.95 -15.05
CA MET A 1 -21.81 3.35 -13.92
C MET A 1 -20.54 2.51 -13.92
N ASN A 2 -19.43 3.06 -13.40
CA ASN A 2 -18.10 2.40 -13.41
C ASN A 2 -17.91 1.37 -12.28
N CYS A 3 -18.75 1.39 -11.24
CA CYS A 3 -18.63 0.57 -10.03
C CYS A 3 -17.27 0.75 -9.29
N MET A 4 -16.96 -0.13 -8.34
CA MET A 4 -15.66 -0.17 -7.65
C MET A 4 -14.60 -0.85 -8.53
N THR A 5 -13.98 -0.02 -9.37
CA THR A 5 -12.94 -0.40 -10.35
C THR A 5 -11.63 0.34 -10.08
N CYS A 6 -10.52 -0.27 -10.49
CA CYS A 6 -9.19 0.29 -10.35
C CYS A 6 -9.00 1.58 -11.16
N GLN A 7 -8.64 2.70 -10.52
CA GLN A 7 -8.36 3.95 -11.23
C GLN A 7 -6.98 3.97 -11.92
N VAL A 8 -6.06 3.06 -11.56
CA VAL A 8 -4.71 2.94 -12.15
C VAL A 8 -4.66 1.94 -13.34
N THR A 9 -5.55 0.95 -13.36
CA THR A 9 -5.52 -0.19 -14.32
C THR A 9 -6.86 -0.49 -14.99
N GLY A 10 -7.96 -0.24 -14.27
CA GLY A 10 -9.34 -0.49 -14.75
C GLY A 10 -9.89 -1.88 -14.40
N GLU A 11 -9.18 -2.65 -13.58
CA GLU A 11 -9.63 -3.94 -13.05
C GLU A 11 -10.61 -3.81 -11.87
N VAL A 12 -11.61 -4.68 -11.83
CA VAL A 12 -12.74 -4.65 -10.88
C VAL A 12 -12.89 -5.98 -10.13
N SER A 13 -12.85 -5.90 -8.79
CA SER A 13 -13.18 -7.00 -7.87
C SER A 13 -14.24 -6.62 -6.82
N ASP A 14 -14.92 -7.63 -6.26
CA ASP A 14 -15.81 -7.49 -5.10
C ASP A 14 -15.02 -7.33 -3.78
N ASP A 15 -13.72 -7.64 -3.77
CA ASP A 15 -12.80 -7.44 -2.65
C ASP A 15 -12.18 -6.02 -2.61
N ASN A 16 -12.09 -5.36 -3.77
CA ASN A 16 -11.62 -3.99 -4.04
C ASN A 16 -10.52 -3.46 -3.10
N LEU A 17 -9.26 -3.53 -3.53
CA LEU A 17 -8.09 -2.97 -2.85
C LEU A 17 -8.18 -1.43 -2.84
N LYS A 18 -7.55 -0.77 -1.86
CA LYS A 18 -7.74 0.69 -1.64
C LYS A 18 -6.45 1.46 -1.33
N LEU A 19 -6.43 2.74 -1.73
CA LEU A 19 -5.26 3.62 -1.71
C LEU A 19 -4.86 4.07 -0.29
N ALA A 20 -3.59 4.44 -0.13
CA ALA A 20 -2.96 4.64 1.18
C ALA A 20 -3.26 6.01 1.83
N GLY A 21 -3.30 6.07 3.16
CA GLY A 21 -3.64 7.29 3.92
C GLY A 21 -2.67 7.61 5.06
N GLY A 22 -2.06 6.59 5.66
CA GLY A 22 -0.94 6.68 6.60
C GLY A 22 -1.31 6.50 8.07
N LYS A 23 -1.72 5.28 8.45
CA LYS A 23 -2.17 4.96 9.82
C LYS A 23 -1.04 4.63 10.82
N LEU A 24 0.08 4.10 10.33
CA LEU A 24 1.30 3.77 11.10
C LEU A 24 2.51 3.77 10.16
N VAL A 25 3.72 3.92 10.70
CA VAL A 25 4.98 3.96 9.96
C VAL A 25 5.58 2.57 9.73
N LEU A 26 5.90 2.34 8.47
CA LEU A 26 6.61 1.22 7.87
C LEU A 26 7.82 1.68 7.01
N SER A 27 8.80 0.83 6.74
CA SER A 27 9.89 1.09 5.79
C SER A 27 9.54 0.61 4.38
N LYS A 28 10.52 0.58 3.47
CA LYS A 28 10.46 -0.10 2.17
C LYS A 28 9.91 -1.53 2.29
N GLU A 29 10.45 -2.30 3.23
CA GLU A 29 10.12 -3.71 3.38
C GLU A 29 8.81 -3.90 4.15
N GLY A 30 8.53 -3.02 5.11
CA GLY A 30 7.22 -2.99 5.74
C GLY A 30 6.11 -2.69 4.74
N ALA A 31 6.27 -1.64 3.91
CA ALA A 31 5.27 -1.29 2.90
C ALA A 31 5.05 -2.43 1.90
N GLU A 32 6.13 -3.07 1.43
CA GLU A 32 5.92 -4.19 0.50
C GLU A 32 5.23 -5.38 1.19
N GLN A 33 5.46 -5.59 2.51
CA GLN A 33 4.72 -6.61 3.25
C GLN A 33 3.22 -6.28 3.41
N ILE A 34 2.85 -4.99 3.54
CA ILE A 34 1.44 -4.59 3.43
C ILE A 34 0.91 -4.98 2.05
N ILE A 35 1.65 -4.72 0.97
CA ILE A 35 1.18 -5.12 -0.37
C ILE A 35 1.06 -6.63 -0.56
N SER A 36 1.87 -7.40 0.17
CA SER A 36 1.65 -8.84 0.28
C SER A 36 0.30 -9.13 0.95
N GLU A 37 -0.05 -8.45 2.04
CA GLU A 37 -1.37 -8.59 2.70
C GLU A 37 -2.52 -8.10 1.81
N ILE A 38 -2.39 -6.95 1.14
CA ILE A 38 -3.42 -6.38 0.25
C ILE A 38 -3.70 -7.32 -0.93
N GLN A 39 -2.66 -7.67 -1.70
CA GLN A 39 -2.82 -8.60 -2.83
C GLN A 39 -3.32 -9.97 -2.36
N ASN A 40 -2.92 -10.42 -1.17
CA ASN A 40 -3.48 -11.65 -0.56
C ASN A 40 -5.00 -11.54 -0.32
N GLN A 41 -5.53 -10.40 0.12
CA GLN A 41 -6.96 -10.16 0.26
C GLN A 41 -7.69 -10.15 -1.08
N LEU A 42 -7.05 -9.66 -2.16
CA LEU A 42 -7.62 -9.81 -3.53
C LEU A 42 -7.59 -11.27 -4.04
N GLN A 43 -6.52 -12.00 -3.74
CA GLN A 43 -6.14 -13.21 -4.48
C GLN A 43 -6.50 -14.54 -3.79
N ASN A 44 -6.31 -14.64 -2.47
CA ASN A 44 -6.23 -15.92 -1.74
C ASN A 44 -7.38 -16.14 -0.73
N LEU A 45 -8.38 -15.26 -0.69
CA LEU A 45 -9.61 -15.43 0.10
C LEU A 45 -10.72 -16.15 -0.71
N LYS A 46 -11.83 -16.48 -0.02
CA LYS A 46 -13.03 -17.14 -0.56
C LYS A 46 -12.74 -18.54 -1.15
N MET B 1 10.45 4.36 22.48
CA MET B 1 11.07 4.61 21.14
C MET B 1 10.79 6.05 20.69
N ASN B 2 11.85 6.78 20.29
CA ASN B 2 11.77 8.21 19.97
C ASN B 2 11.77 8.52 18.45
N CYS B 3 12.08 7.54 17.59
CA CYS B 3 12.17 7.69 16.14
C CYS B 3 11.04 6.95 15.39
N MET B 4 10.69 7.41 14.19
CA MET B 4 9.73 6.75 13.30
C MET B 4 10.32 5.49 12.67
N THR B 5 9.98 4.34 13.25
CA THR B 5 10.45 3.00 12.88
C THR B 5 9.34 2.16 12.27
N CYS B 6 9.72 1.28 11.35
CA CYS B 6 8.82 0.27 10.80
C CYS B 6 8.26 -0.67 11.89
N GLN B 7 6.95 -0.70 12.09
CA GLN B 7 6.32 -1.62 13.06
C GLN B 7 6.38 -3.10 12.62
N VAL B 8 6.59 -3.38 11.32
CA VAL B 8 6.58 -4.72 10.72
C VAL B 8 7.99 -5.32 10.52
N THR B 9 9.02 -4.47 10.41
CA THR B 9 10.42 -4.90 10.13
C THR B 9 11.44 -4.29 11.11
N GLY B 10 11.14 -3.09 11.62
CA GLY B 10 12.01 -2.34 12.54
C GLY B 10 12.99 -1.38 11.87
N GLU B 11 12.90 -1.24 10.53
CA GLU B 11 13.69 -0.30 9.74
C GLU B 11 13.18 1.15 9.85
N VAL B 12 14.09 2.11 9.93
CA VAL B 12 13.85 3.56 10.11
C VAL B 12 14.43 4.33 8.91
N SER B 13 13.62 5.19 8.29
CA SER B 13 14.07 6.19 7.30
C SER B 13 13.49 7.58 7.56
N ASP B 14 14.11 8.63 7.00
CA ASP B 14 13.56 9.99 7.03
C ASP B 14 12.38 10.17 6.05
N ASP B 15 12.38 9.41 4.95
CA ASP B 15 11.36 9.35 3.91
C ASP B 15 10.26 8.28 4.17
N ASN B 16 10.08 7.89 5.44
CA ASN B 16 9.37 6.67 5.85
C ASN B 16 7.92 6.54 5.34
N LEU B 17 7.55 5.28 5.05
CA LEU B 17 6.33 4.84 4.40
C LEU B 17 5.22 4.58 5.41
N LYS B 18 3.95 4.66 5.00
CA LYS B 18 2.81 4.68 5.94
C LYS B 18 1.63 3.81 5.49
N LEU B 19 0.95 3.20 6.47
CA LEU B 19 -0.04 2.12 6.29
C LEU B 19 -1.34 2.58 5.61
N ALA B 20 -2.05 1.64 5.00
CA ALA B 20 -3.17 1.92 4.09
C ALA B 20 -4.46 2.34 4.82
N GLY B 21 -5.19 3.34 4.28
CA GLY B 21 -6.39 3.91 4.90
C GLY B 21 -7.66 3.67 4.08
N GLY B 22 -7.56 3.77 2.75
CA GLY B 22 -8.58 3.41 1.77
C GLY B 22 -9.24 4.61 1.08
N LYS B 23 -8.45 5.42 0.36
CA LYS B 23 -8.92 6.69 -0.23
C LYS B 23 -9.64 6.55 -1.59
N LEU B 24 -9.25 5.59 -2.41
CA LEU B 24 -9.82 5.25 -3.72
C LEU B 24 -9.60 3.77 -4.04
N VAL B 25 -10.39 3.18 -4.94
CA VAL B 25 -10.34 1.75 -5.28
C VAL B 25 -9.35 1.43 -6.41
N LEU B 26 -8.58 0.38 -6.16
CA LEU B 26 -7.61 -0.30 -7.01
C LEU B 26 -7.85 -1.82 -6.99
N SER B 27 -7.29 -2.55 -7.96
CA SER B 27 -7.24 -4.03 -7.94
C SER B 27 -5.82 -4.50 -7.61
N LYS B 28 -5.52 -5.79 -7.74
CA LYS B 28 -4.19 -6.38 -7.47
C LYS B 28 -3.07 -5.56 -8.12
N GLU B 29 -3.30 -5.22 -9.40
CA GLU B 29 -2.29 -4.54 -10.21
C GLU B 29 -2.18 -3.06 -9.86
N GLY B 30 -3.31 -2.42 -9.56
CA GLY B 30 -3.31 -1.05 -9.06
C GLY B 30 -2.60 -0.94 -7.70
N ALA B 31 -2.92 -1.82 -6.75
CA ALA B 31 -2.33 -1.78 -5.41
C ALA B 31 -0.81 -2.02 -5.47
N GLU B 32 -0.36 -2.98 -6.30
CA GLU B 32 1.09 -3.19 -6.44
C GLU B 32 1.77 -1.99 -7.13
N GLN B 33 1.06 -1.29 -8.03
CA GLN B 33 1.55 -0.04 -8.59
C GLN B 33 1.63 1.10 -7.56
N ILE B 34 0.74 1.13 -6.57
CA ILE B 34 0.95 1.98 -5.38
C ILE B 34 2.23 1.54 -4.65
N ILE B 35 2.53 0.25 -4.49
CA ILE B 35 3.83 -0.14 -3.91
C ILE B 35 5.02 0.42 -4.68
N SER B 36 4.93 0.44 -6.00
CA SER B 36 5.96 1.05 -6.83
C SER B 36 6.09 2.53 -6.51
N GLU B 37 4.97 3.27 -6.39
CA GLU B 37 5.00 4.68 -5.97
C GLU B 37 5.54 4.85 -4.53
N ILE B 38 5.09 4.04 -3.58
CA ILE B 38 5.46 4.09 -2.15
C ILE B 38 6.96 3.80 -1.97
N GLN B 39 7.44 2.68 -2.48
CA GLN B 39 8.87 2.34 -2.41
C GLN B 39 9.71 3.37 -3.16
N ASN B 40 9.19 3.96 -4.25
CA ASN B 40 9.86 5.08 -4.92
C ASN B 40 9.85 6.39 -4.09
N GLN B 41 8.88 6.60 -3.19
CA GLN B 41 8.98 7.66 -2.17
C GLN B 41 10.09 7.40 -1.15
N LEU B 42 10.26 6.14 -0.69
CA LEU B 42 11.40 5.80 0.18
C LEU B 42 12.75 5.98 -0.54
N GLN B 43 12.81 5.68 -1.85
CA GLN B 43 13.99 5.92 -2.69
C GLN B 43 14.31 7.43 -2.82
N ASN B 44 13.32 8.26 -3.19
CA ASN B 44 13.51 9.69 -3.43
C ASN B 44 12.24 10.57 -3.35
N LEU B 45 11.11 10.10 -3.91
CA LEU B 45 10.01 10.96 -4.36
C LEU B 45 9.18 11.62 -3.24
N LYS B 46 8.92 12.93 -3.39
CA LYS B 46 7.86 13.70 -2.72
C LYS B 46 7.39 14.89 -3.57
N MET A 1 -24.65 6.63 -10.25
CA MET A 1 -23.68 5.75 -9.54
C MET A 1 -22.91 4.86 -10.52
N ASN A 2 -21.74 4.36 -10.11
CA ASN A 2 -20.85 3.50 -10.92
C ASN A 2 -20.28 2.35 -10.08
N CYS A 3 -19.87 1.26 -10.73
CA CYS A 3 -19.26 0.09 -10.09
C CYS A 3 -17.83 0.38 -9.58
N MET A 4 -17.40 -0.35 -8.54
CA MET A 4 -16.03 -0.28 -8.02
C MET A 4 -15.03 -0.93 -8.98
N THR A 5 -14.09 -0.14 -9.48
CA THR A 5 -13.00 -0.55 -10.38
C THR A 5 -11.72 0.22 -10.10
N CYS A 6 -10.58 -0.35 -10.46
CA CYS A 6 -9.27 0.29 -10.33
C CYS A 6 -9.17 1.59 -11.14
N GLN A 7 -8.86 2.72 -10.49
CA GLN A 7 -8.63 3.99 -11.20
C GLN A 7 -7.24 4.07 -11.89
N VAL A 8 -6.30 3.20 -11.52
CA VAL A 8 -4.92 3.17 -12.06
C VAL A 8 -4.73 2.15 -13.20
N THR A 9 -5.58 1.11 -13.26
CA THR A 9 -5.48 0.00 -14.25
C THR A 9 -6.80 -0.30 -14.97
N GLY A 10 -7.92 -0.12 -14.27
CA GLY A 10 -9.28 -0.39 -14.79
C GLY A 10 -9.81 -1.80 -14.47
N GLU A 11 -9.09 -2.57 -13.64
CA GLU A 11 -9.52 -3.89 -13.17
C GLU A 11 -10.49 -3.83 -11.98
N VAL A 12 -11.46 -4.73 -11.97
CA VAL A 12 -12.50 -4.87 -10.94
C VAL A 12 -12.41 -6.21 -10.22
N SER A 13 -12.51 -6.17 -8.88
CA SER A 13 -12.79 -7.34 -8.02
C SER A 13 -13.88 -7.06 -6.99
N ASP A 14 -14.59 -8.11 -6.56
CA ASP A 14 -15.53 -8.09 -5.43
C ASP A 14 -14.82 -7.78 -4.08
N ASP A 15 -13.54 -8.16 -3.98
CA ASP A 15 -12.62 -7.97 -2.86
C ASP A 15 -11.54 -6.92 -3.18
N ASN A 16 -11.95 -5.86 -3.89
CA ASN A 16 -11.07 -4.77 -4.35
C ASN A 16 -10.32 -4.04 -3.23
N LEU A 17 -9.15 -3.53 -3.62
CA LEU A 17 -8.11 -2.90 -2.80
C LEU A 17 -8.28 -1.37 -2.79
N LYS A 18 -7.66 -0.68 -1.83
CA LYS A 18 -7.85 0.78 -1.66
C LYS A 18 -6.57 1.56 -1.35
N LEU A 19 -6.54 2.83 -1.77
CA LEU A 19 -5.37 3.72 -1.77
C LEU A 19 -4.93 4.16 -0.36
N ALA A 20 -3.66 4.54 -0.21
CA ALA A 20 -3.00 4.75 1.08
C ALA A 20 -3.31 6.12 1.73
N GLY A 21 -3.09 6.25 3.04
CA GLY A 21 -3.36 7.51 3.77
C GLY A 21 -2.53 7.72 5.05
N GLY A 22 -2.09 6.63 5.69
CA GLY A 22 -1.02 6.62 6.69
C GLY A 22 -1.48 6.41 8.14
N LYS A 23 -1.90 5.18 8.46
CA LYS A 23 -2.33 4.80 9.82
C LYS A 23 -1.18 4.60 10.82
N LEU A 24 -0.03 4.10 10.33
CA LEU A 24 1.19 3.82 11.10
C LEU A 24 2.41 3.85 10.17
N VAL A 25 3.63 4.02 10.72
CA VAL A 25 4.89 4.08 9.95
C VAL A 25 5.52 2.70 9.73
N LEU A 26 5.94 2.50 8.48
CA LEU A 26 6.68 1.38 7.93
C LEU A 26 7.89 1.89 7.13
N SER A 27 8.90 1.04 6.88
CA SER A 27 9.98 1.34 5.93
C SER A 27 9.72 0.63 4.59
N LYS A 28 10.70 0.63 3.68
CA LYS A 28 10.62 -0.01 2.35
C LYS A 28 10.01 -1.40 2.43
N GLU A 29 10.55 -2.19 3.37
CA GLU A 29 10.22 -3.60 3.52
C GLU A 29 8.87 -3.79 4.20
N GLY A 30 8.51 -2.91 5.15
CA GLY A 30 7.18 -2.90 5.73
C GLY A 30 6.12 -2.53 4.70
N ALA A 31 6.31 -1.49 3.88
CA ALA A 31 5.32 -1.07 2.90
C ALA A 31 5.10 -2.19 1.87
N GLU A 32 6.18 -2.82 1.39
CA GLU A 32 5.97 -3.98 0.50
C GLU A 32 5.33 -5.18 1.22
N GLN A 33 5.57 -5.36 2.53
CA GLN A 33 4.88 -6.39 3.29
C GLN A 33 3.38 -6.10 3.37
N ILE A 34 2.97 -4.82 3.46
CA ILE A 34 1.55 -4.45 3.30
C ILE A 34 1.07 -4.84 1.91
N ILE A 35 1.85 -4.64 0.84
CA ILE A 35 1.44 -5.16 -0.48
C ILE A 35 1.15 -6.66 -0.47
N SER A 36 1.97 -7.43 0.26
CA SER A 36 1.75 -8.85 0.43
C SER A 36 0.42 -9.10 1.16
N GLU A 37 0.12 -8.36 2.23
CA GLU A 37 -1.19 -8.46 2.91
C GLU A 37 -2.35 -8.05 1.99
N ILE A 38 -2.24 -6.93 1.28
CA ILE A 38 -3.29 -6.37 0.41
C ILE A 38 -3.62 -7.33 -0.74
N GLN A 39 -2.60 -7.71 -1.52
CA GLN A 39 -2.77 -8.66 -2.62
C GLN A 39 -3.24 -10.02 -2.09
N ASN A 40 -2.83 -10.43 -0.90
CA ASN A 40 -3.38 -11.63 -0.22
C ASN A 40 -4.87 -11.49 0.11
N GLN A 41 -5.38 -10.31 0.51
CA GLN A 41 -6.82 -10.12 0.74
C GLN A 41 -7.62 -10.21 -0.55
N LEU A 42 -7.07 -9.71 -1.67
CA LEU A 42 -7.75 -9.90 -2.98
C LEU A 42 -7.67 -11.34 -3.51
N GLN A 43 -6.54 -12.03 -3.33
CA GLN A 43 -6.23 -13.29 -4.03
C GLN A 43 -6.58 -14.55 -3.24
N ASN A 44 -6.38 -14.54 -1.91
CA ASN A 44 -6.42 -15.73 -1.06
C ASN A 44 -7.74 -15.91 -0.26
N LEU A 45 -8.71 -15.01 -0.47
CA LEU A 45 -10.03 -15.03 0.18
C LEU A 45 -11.19 -15.40 -0.78
N LYS A 46 -10.87 -15.77 -2.04
CA LYS A 46 -11.82 -16.07 -3.12
C LYS A 46 -11.81 -17.54 -3.53
N MET B 1 10.82 12.07 22.31
CA MET B 1 10.07 11.53 21.15
C MET B 1 10.81 10.32 20.56
N ASN B 2 10.08 9.25 20.22
CA ASN B 2 10.63 8.04 19.59
C ASN B 2 10.89 8.25 18.08
N CYS B 3 11.75 7.41 17.50
CA CYS B 3 12.04 7.42 16.05
C CYS B 3 10.86 6.89 15.20
N MET B 4 10.80 7.30 13.94
CA MET B 4 9.88 6.73 12.95
C MET B 4 10.45 5.44 12.37
N THR B 5 10.03 4.33 12.94
CA THR B 5 10.50 2.96 12.62
C THR B 5 9.34 2.05 12.24
N CYS B 6 9.62 1.06 11.42
CA CYS B 6 8.66 0.08 10.94
C CYS B 6 8.15 -0.84 12.06
N GLN B 7 6.84 -0.88 12.28
CA GLN B 7 6.25 -1.81 13.26
C GLN B 7 6.12 -3.26 12.73
N VAL B 8 6.25 -3.47 11.41
CA VAL B 8 6.14 -4.80 10.74
C VAL B 8 7.50 -5.46 10.49
N THR B 9 8.59 -4.68 10.45
CA THR B 9 9.97 -5.17 10.16
C THR B 9 11.02 -4.67 11.16
N GLY B 10 10.84 -3.44 11.65
CA GLY B 10 11.78 -2.79 12.59
C GLY B 10 12.81 -1.87 11.92
N GLU B 11 12.70 -1.66 10.60
CA GLU B 11 13.57 -0.75 9.84
C GLU B 11 13.13 0.71 9.90
N VAL B 12 14.10 1.61 9.85
CA VAL B 12 13.92 3.07 9.90
C VAL B 12 14.47 3.74 8.63
N SER B 13 13.61 4.48 7.93
CA SER B 13 13.96 5.42 6.86
C SER B 13 13.49 6.84 7.22
N ASP B 14 14.29 7.85 6.88
CA ASP B 14 13.92 9.27 7.10
C ASP B 14 12.68 9.68 6.27
N ASP B 15 12.44 8.98 5.15
CA ASP B 15 11.32 9.17 4.24
C ASP B 15 10.00 8.51 4.71
N ASN B 16 10.09 7.67 5.77
CA ASN B 16 8.99 7.09 6.56
C ASN B 16 7.67 6.80 5.81
N LEU B 17 7.58 5.61 5.18
CA LEU B 17 6.40 5.08 4.49
C LEU B 17 5.27 4.77 5.49
N LYS B 18 4.02 4.75 5.04
CA LYS B 18 2.85 4.66 5.93
C LYS B 18 1.73 3.72 5.46
N LEU B 19 0.97 3.17 6.42
CA LEU B 19 -0.04 2.13 6.23
C LEU B 19 -1.31 2.61 5.50
N ALA B 20 -2.04 1.67 4.90
CA ALA B 20 -3.13 1.97 3.97
C ALA B 20 -4.39 2.52 4.66
N GLY B 21 -4.97 3.61 4.13
CA GLY B 21 -6.14 4.28 4.73
C GLY B 21 -7.47 3.88 4.08
N GLY B 22 -7.51 3.96 2.75
CA GLY B 22 -8.62 3.54 1.89
C GLY B 22 -9.31 4.70 1.15
N LYS B 23 -8.55 5.50 0.37
CA LYS B 23 -9.06 6.74 -0.26
C LYS B 23 -9.86 6.51 -1.55
N LEU B 24 -9.40 5.61 -2.41
CA LEU B 24 -9.99 5.28 -3.73
C LEU B 24 -9.71 3.81 -4.08
N VAL B 25 -10.50 3.22 -4.97
CA VAL B 25 -10.45 1.78 -5.28
C VAL B 25 -9.46 1.43 -6.39
N LEU B 26 -8.68 0.38 -6.12
CA LEU B 26 -7.68 -0.26 -6.96
C LEU B 26 -7.86 -1.79 -6.97
N SER B 27 -7.36 -2.49 -7.98
CA SER B 27 -7.28 -3.97 -8.00
C SER B 27 -5.86 -4.41 -7.65
N LYS B 28 -5.55 -5.71 -7.78
CA LYS B 28 -4.24 -6.33 -7.51
C LYS B 28 -3.09 -5.51 -8.11
N GLU B 29 -3.28 -5.14 -9.37
CA GLU B 29 -2.25 -4.44 -10.15
C GLU B 29 -2.19 -2.95 -9.80
N GLY B 30 -3.34 -2.33 -9.50
CA GLY B 30 -3.37 -0.98 -8.97
C GLY B 30 -2.67 -0.88 -7.62
N ALA B 31 -2.96 -1.77 -6.67
CA ALA B 31 -2.33 -1.75 -5.35
C ALA B 31 -0.82 -1.93 -5.48
N GLU B 32 -0.38 -2.89 -6.31
CA GLU B 32 1.08 -3.05 -6.47
C GLU B 32 1.72 -1.82 -7.14
N GLN B 33 1.00 -1.13 -8.04
CA GLN B 33 1.49 0.13 -8.63
C GLN B 33 1.60 1.25 -7.60
N ILE B 34 0.69 1.31 -6.62
CA ILE B 34 0.86 2.22 -5.47
C ILE B 34 2.14 1.85 -4.73
N ILE B 35 2.40 0.57 -4.45
CA ILE B 35 3.64 0.22 -3.76
C ILE B 35 4.90 0.56 -4.55
N SER B 36 4.83 0.51 -5.88
CA SER B 36 5.89 1.06 -6.72
C SER B 36 6.07 2.56 -6.46
N GLU B 37 4.97 3.32 -6.36
CA GLU B 37 5.03 4.76 -6.02
C GLU B 37 5.53 4.99 -4.58
N ILE B 38 5.06 4.24 -3.59
CA ILE B 38 5.48 4.39 -2.20
C ILE B 38 6.99 4.10 -2.04
N GLN B 39 7.44 2.92 -2.49
CA GLN B 39 8.85 2.54 -2.45
C GLN B 39 9.72 3.52 -3.25
N ASN B 40 9.19 4.09 -4.34
CA ASN B 40 9.85 5.16 -5.09
C ASN B 40 9.97 6.48 -4.30
N GLN B 41 8.99 6.85 -3.46
CA GLN B 41 9.05 8.02 -2.59
C GLN B 41 10.06 7.83 -1.45
N LEU B 42 10.28 6.59 -1.01
CA LEU B 42 11.45 6.30 -0.17
C LEU B 42 12.77 6.39 -0.94
N GLN B 43 12.84 5.83 -2.16
CA GLN B 43 14.11 5.57 -2.84
C GLN B 43 14.69 6.73 -3.66
N ASN B 44 13.85 7.52 -4.36
CA ASN B 44 14.31 8.49 -5.38
C ASN B 44 13.86 9.94 -5.17
N LEU B 45 12.82 10.19 -4.37
CA LEU B 45 12.35 11.55 -4.04
C LEU B 45 13.26 12.23 -2.99
N LYS B 46 13.29 13.57 -3.01
CA LYS B 46 14.07 14.43 -2.09
C LYS B 46 13.34 15.76 -1.78
N MET A 1 -24.55 5.85 -9.45
CA MET A 1 -23.08 5.91 -9.27
C MET A 1 -22.37 4.83 -10.09
N ASN A 2 -21.07 4.99 -10.36
CA ASN A 2 -20.24 4.00 -11.06
C ASN A 2 -19.88 2.81 -10.14
N CYS A 3 -19.52 1.67 -10.73
CA CYS A 3 -19.05 0.48 -10.02
C CYS A 3 -17.60 0.65 -9.50
N MET A 4 -17.23 -0.13 -8.48
CA MET A 4 -15.86 -0.15 -7.94
C MET A 4 -14.87 -0.79 -8.92
N THR A 5 -13.99 0.03 -9.49
CA THR A 5 -12.93 -0.36 -10.42
C THR A 5 -11.63 0.40 -10.14
N CYS A 6 -10.51 -0.18 -10.55
CA CYS A 6 -9.18 0.42 -10.40
C CYS A 6 -9.03 1.72 -11.20
N GLN A 7 -8.62 2.81 -10.54
CA GLN A 7 -8.33 4.07 -11.22
C GLN A 7 -6.93 4.10 -11.90
N VAL A 8 -6.01 3.20 -11.52
CA VAL A 8 -4.65 3.09 -12.10
C VAL A 8 -4.57 2.11 -13.29
N THR A 9 -5.47 1.12 -13.34
CA THR A 9 -5.44 0.01 -14.33
C THR A 9 -6.77 -0.23 -15.04
N GLY A 10 -7.89 0.02 -14.34
CA GLY A 10 -9.24 -0.21 -14.86
C GLY A 10 -9.81 -1.60 -14.56
N GLU A 11 -9.12 -2.40 -13.75
CA GLU A 11 -9.58 -3.72 -13.29
C GLU A 11 -10.52 -3.65 -12.08
N VAL A 12 -11.49 -4.57 -12.04
CA VAL A 12 -12.50 -4.72 -10.98
C VAL A 12 -12.35 -6.04 -10.22
N SER A 13 -12.28 -5.97 -8.89
CA SER A 13 -12.46 -7.11 -7.97
C SER A 13 -13.58 -6.84 -6.96
N ASP A 14 -14.35 -7.87 -6.62
CA ASP A 14 -15.34 -7.85 -5.53
C ASP A 14 -14.68 -7.79 -4.14
N ASP A 15 -13.36 -8.02 -4.03
CA ASP A 15 -12.54 -7.77 -2.85
C ASP A 15 -11.88 -6.37 -2.83
N ASN A 16 -11.90 -5.64 -3.96
CA ASN A 16 -11.52 -4.22 -4.16
C ASN A 16 -10.48 -3.64 -3.18
N LEU A 17 -9.21 -3.64 -3.59
CA LEU A 17 -8.08 -3.06 -2.86
C LEU A 17 -8.19 -1.53 -2.82
N LYS A 18 -7.57 -0.89 -1.82
CA LYS A 18 -7.77 0.55 -1.56
C LYS A 18 -6.48 1.32 -1.23
N LEU A 19 -6.45 2.59 -1.61
CA LEU A 19 -5.28 3.49 -1.61
C LEU A 19 -4.88 3.96 -0.19
N ALA A 20 -3.63 4.38 -0.03
CA ALA A 20 -2.99 4.65 1.26
C ALA A 20 -3.39 6.02 1.88
N GLY A 21 -3.26 6.15 3.21
CA GLY A 21 -3.62 7.38 3.95
C GLY A 21 -2.72 7.69 5.14
N GLY A 22 -2.16 6.65 5.79
CA GLY A 22 -1.05 6.76 6.72
C GLY A 22 -1.42 6.57 8.19
N LYS A 23 -1.80 5.34 8.58
CA LYS A 23 -2.18 5.01 9.97
C LYS A 23 -0.99 4.85 10.93
N LEU A 24 0.12 4.29 10.45
CA LEU A 24 1.35 3.99 11.20
C LEU A 24 2.56 3.91 10.25
N VAL A 25 3.79 4.08 10.75
CA VAL A 25 5.02 4.16 9.94
C VAL A 25 5.64 2.77 9.68
N LEU A 26 6.04 2.59 8.43
CA LEU A 26 6.72 1.44 7.84
C LEU A 26 7.93 1.87 7.00
N SER A 27 8.92 1.00 6.82
CA SER A 27 10.03 1.18 5.89
C SER A 27 9.64 0.75 4.48
N LYS A 28 10.61 0.74 3.54
CA LYS A 28 10.50 0.15 2.20
C LYS A 28 9.94 -1.28 2.28
N GLU A 29 10.51 -2.07 3.19
CA GLU A 29 10.17 -3.48 3.35
C GLU A 29 8.84 -3.67 4.11
N GLY A 30 8.55 -2.79 5.07
CA GLY A 30 7.24 -2.77 5.70
C GLY A 30 6.14 -2.45 4.69
N ALA A 31 6.30 -1.41 3.87
CA ALA A 31 5.29 -1.03 2.87
C ALA A 31 5.05 -2.19 1.90
N GLU A 32 6.15 -2.81 1.41
CA GLU A 32 5.93 -3.97 0.51
C GLU A 32 5.27 -5.16 1.23
N GLN A 33 5.52 -5.35 2.53
CA GLN A 33 4.82 -6.38 3.30
C GLN A 33 3.32 -6.07 3.41
N ILE A 34 2.92 -4.80 3.56
CA ILE A 34 1.49 -4.44 3.49
C ILE A 34 0.94 -4.83 2.12
N ILE A 35 1.63 -4.52 1.03
CA ILE A 35 1.13 -4.95 -0.29
C ILE A 35 1.05 -6.46 -0.46
N SER A 36 1.91 -7.21 0.23
CA SER A 36 1.76 -8.66 0.33
C SER A 36 0.44 -9.00 1.04
N GLU A 37 0.10 -8.31 2.14
CA GLU A 37 -1.19 -8.51 2.84
C GLU A 37 -2.40 -8.08 1.99
N ILE A 38 -2.33 -6.91 1.31
CA ILE A 38 -3.42 -6.40 0.48
C ILE A 38 -3.71 -7.37 -0.69
N GLN A 39 -2.67 -7.71 -1.46
CA GLN A 39 -2.80 -8.69 -2.55
C GLN A 39 -3.27 -10.06 -2.01
N ASN A 40 -2.87 -10.42 -0.79
CA ASN A 40 -3.45 -11.59 -0.07
C ASN A 40 -4.96 -11.46 0.17
N GLN A 41 -5.49 -10.27 0.50
CA GLN A 41 -6.93 -10.07 0.66
C GLN A 41 -7.67 -10.22 -0.68
N LEU A 42 -7.07 -9.78 -1.79
CA LEU A 42 -7.65 -10.06 -3.13
C LEU A 42 -7.52 -11.53 -3.57
N GLN A 43 -6.46 -12.22 -3.15
CA GLN A 43 -6.23 -13.65 -3.44
C GLN A 43 -6.99 -14.61 -2.49
N ASN A 44 -7.43 -14.12 -1.32
CA ASN A 44 -7.89 -14.92 -0.17
C ASN A 44 -6.82 -15.99 0.22
N LEU A 45 -5.55 -15.57 0.27
CA LEU A 45 -4.40 -16.48 0.32
C LEU A 45 -4.21 -17.13 1.70
N LYS A 46 -4.38 -16.37 2.79
CA LYS A 46 -4.23 -16.81 4.19
C LYS A 46 -5.57 -16.83 4.95
N MET B 1 9.67 -0.60 20.36
CA MET B 1 9.84 0.31 19.19
C MET B 1 10.11 1.75 19.66
N ASN B 2 10.95 2.49 18.93
CA ASN B 2 11.29 3.90 19.20
C ASN B 2 11.54 4.66 17.87
N CYS B 3 11.35 5.99 17.88
CA CYS B 3 11.37 6.88 16.69
C CYS B 3 10.39 6.43 15.58
N MET B 4 10.47 7.03 14.39
CA MET B 4 9.71 6.58 13.20
C MET B 4 10.36 5.35 12.57
N THR B 5 10.01 4.20 13.14
CA THR B 5 10.47 2.86 12.79
C THR B 5 9.34 2.02 12.23
N CYS B 6 9.69 1.05 11.40
CA CYS B 6 8.73 0.11 10.85
C CYS B 6 8.13 -0.81 11.93
N GLN B 7 6.80 -0.79 12.10
CA GLN B 7 6.13 -1.71 13.05
C GLN B 7 6.14 -3.18 12.58
N VAL B 8 6.28 -3.44 11.27
CA VAL B 8 6.19 -4.78 10.65
C VAL B 8 7.56 -5.44 10.42
N THR B 9 8.65 -4.65 10.38
CA THR B 9 10.02 -5.13 10.11
C THR B 9 11.05 -4.62 11.11
N GLY B 10 10.84 -3.40 11.64
CA GLY B 10 11.74 -2.73 12.59
C GLY B 10 12.78 -1.81 11.94
N GLU B 11 12.71 -1.61 10.62
CA GLU B 11 13.57 -0.69 9.88
C GLU B 11 13.08 0.76 9.92
N VAL B 12 14.02 1.68 10.02
CA VAL B 12 13.79 3.14 10.02
C VAL B 12 14.28 3.72 8.69
N SER B 13 13.43 4.47 7.98
CA SER B 13 13.80 5.25 6.79
C SER B 13 13.22 6.64 6.91
N ASP B 14 14.04 7.69 6.75
CA ASP B 14 13.69 9.09 7.03
C ASP B 14 12.57 9.67 6.13
N ASP B 15 12.28 9.00 5.01
CA ASP B 15 11.20 9.30 4.08
C ASP B 15 9.83 8.76 4.53
N ASN B 16 9.81 7.94 5.60
CA ASN B 16 8.66 7.45 6.36
C ASN B 16 7.45 6.97 5.52
N LEU B 17 7.46 5.73 5.01
CA LEU B 17 6.27 5.14 4.38
C LEU B 17 5.21 4.83 5.46
N LYS B 18 3.93 4.78 5.08
CA LYS B 18 2.81 4.73 6.04
C LYS B 18 1.66 3.78 5.62
N LEU B 19 0.97 3.22 6.61
CA LEU B 19 -0.02 2.16 6.45
C LEU B 19 -1.33 2.63 5.76
N ALA B 20 -2.05 1.68 5.17
CA ALA B 20 -3.14 1.95 4.23
C ALA B 20 -4.43 2.47 4.91
N GLY B 21 -5.08 3.49 4.33
CA GLY B 21 -6.28 4.12 4.89
C GLY B 21 -7.57 3.64 4.20
N GLY B 22 -7.58 3.68 2.87
CA GLY B 22 -8.66 3.22 1.99
C GLY B 22 -9.27 4.35 1.16
N LYS B 23 -8.42 5.13 0.48
CA LYS B 23 -8.75 6.45 -0.05
C LYS B 23 -9.42 6.45 -1.44
N LEU B 24 -9.10 5.46 -2.29
CA LEU B 24 -9.73 5.18 -3.60
C LEU B 24 -9.56 3.69 -3.94
N VAL B 25 -10.40 3.13 -4.83
CA VAL B 25 -10.37 1.70 -5.18
C VAL B 25 -9.41 1.40 -6.34
N LEU B 26 -8.62 0.35 -6.12
CA LEU B 26 -7.66 -0.29 -7.00
C LEU B 26 -7.88 -1.81 -7.03
N SER B 27 -7.39 -2.50 -8.07
CA SER B 27 -7.32 -3.96 -8.12
C SER B 27 -5.90 -4.42 -7.77
N LYS B 28 -5.60 -5.71 -7.91
CA LYS B 28 -4.29 -6.33 -7.61
C LYS B 28 -3.14 -5.53 -8.23
N GLU B 29 -3.32 -5.18 -9.50
CA GLU B 29 -2.31 -4.51 -10.30
C GLU B 29 -2.19 -3.03 -9.92
N GLY B 30 -3.33 -2.39 -9.61
CA GLY B 30 -3.33 -1.04 -9.09
C GLY B 30 -2.64 -0.95 -7.73
N ALA B 31 -2.96 -1.84 -6.78
CA ALA B 31 -2.37 -1.81 -5.43
C ALA B 31 -0.85 -2.04 -5.51
N GLU B 32 -0.40 -3.01 -6.32
CA GLU B 32 1.05 -3.22 -6.45
C GLU B 32 1.74 -2.01 -7.13
N GLN B 33 1.02 -1.32 -8.04
CA GLN B 33 1.52 -0.06 -8.61
C GLN B 33 1.59 1.08 -7.59
N ILE B 34 0.70 1.15 -6.60
CA ILE B 34 0.91 2.02 -5.44
C ILE B 34 2.19 1.61 -4.71
N ILE B 35 2.48 0.30 -4.54
CA ILE B 35 3.78 -0.06 -3.95
C ILE B 35 4.98 0.47 -4.74
N SER B 36 4.87 0.48 -6.06
CA SER B 36 5.89 1.09 -6.91
C SER B 36 6.01 2.58 -6.60
N GLU B 37 4.90 3.31 -6.49
CA GLU B 37 4.93 4.74 -6.10
C GLU B 37 5.49 4.96 -4.68
N ILE B 38 5.05 4.14 -3.71
CA ILE B 38 5.45 4.24 -2.30
C ILE B 38 6.96 3.98 -2.14
N GLN B 39 7.44 2.83 -2.60
CA GLN B 39 8.85 2.48 -2.53
C GLN B 39 9.71 3.47 -3.35
N ASN B 40 9.18 4.00 -4.45
CA ASN B 40 9.85 5.05 -5.22
C ASN B 40 9.94 6.39 -4.47
N GLN B 41 8.95 6.78 -3.65
CA GLN B 41 9.05 8.03 -2.87
C GLN B 41 9.95 7.87 -1.63
N LEU B 42 10.15 6.64 -1.12
CA LEU B 42 11.30 6.39 -0.22
C LEU B 42 12.64 6.48 -0.97
N GLN B 43 12.75 5.84 -2.14
CA GLN B 43 14.01 5.77 -2.90
C GLN B 43 14.46 7.13 -3.48
N ASN B 44 13.51 8.00 -3.82
CA ASN B 44 13.71 9.37 -4.29
C ASN B 44 12.60 10.28 -3.74
N LEU B 45 12.95 11.20 -2.84
CA LEU B 45 12.00 12.05 -2.13
C LEU B 45 11.20 12.97 -3.09
N LYS B 46 9.91 13.16 -2.79
CA LYS B 46 8.93 13.92 -3.58
C LYS B 46 8.48 15.21 -2.87
N MET A 1 -24.96 6.83 -7.25
CA MET A 1 -24.15 5.58 -7.04
C MET A 1 -23.33 5.25 -8.30
N ASN A 2 -22.17 4.60 -8.12
CA ASN A 2 -21.24 4.22 -9.18
C ASN A 2 -20.68 2.79 -8.98
N CYS A 3 -20.09 2.22 -10.04
CA CYS A 3 -19.32 0.99 -9.97
C CYS A 3 -17.96 1.18 -9.27
N MET A 4 -17.35 0.07 -8.82
CA MET A 4 -15.98 0.04 -8.30
C MET A 4 -15.05 -0.65 -9.30
N THR A 5 -14.03 0.07 -9.74
CA THR A 5 -12.92 -0.38 -10.60
C THR A 5 -11.65 0.40 -10.28
N CYS A 6 -10.49 -0.18 -10.59
CA CYS A 6 -9.20 0.46 -10.39
C CYS A 6 -9.06 1.76 -11.19
N GLN A 7 -8.80 2.88 -10.54
CA GLN A 7 -8.56 4.15 -11.24
C GLN A 7 -7.14 4.24 -11.87
N VAL A 8 -6.21 3.40 -11.42
CA VAL A 8 -4.80 3.36 -11.88
C VAL A 8 -4.55 2.35 -13.01
N THR A 9 -5.41 1.34 -13.15
CA THR A 9 -5.27 0.24 -14.15
C THR A 9 -6.55 -0.05 -14.94
N GLY A 10 -7.71 0.10 -14.29
CA GLY A 10 -9.03 -0.18 -14.88
C GLY A 10 -9.56 -1.60 -14.60
N GLU A 11 -8.89 -2.37 -13.76
CA GLU A 11 -9.34 -3.70 -13.31
C GLU A 11 -10.32 -3.64 -12.14
N VAL A 12 -11.28 -4.55 -12.12
CA VAL A 12 -12.29 -4.69 -11.05
C VAL A 12 -12.14 -6.01 -10.29
N SER A 13 -12.20 -5.95 -8.95
CA SER A 13 -12.38 -7.13 -8.09
C SER A 13 -13.35 -6.84 -6.94
N ASP A 14 -14.18 -7.84 -6.58
CA ASP A 14 -15.15 -7.76 -5.48
C ASP A 14 -14.49 -7.62 -4.09
N ASP A 15 -13.21 -7.97 -3.96
CA ASP A 15 -12.41 -7.78 -2.76
C ASP A 15 -11.85 -6.35 -2.59
N ASN A 16 -12.01 -5.49 -3.60
CA ASN A 16 -11.82 -4.03 -3.57
C ASN A 16 -10.62 -3.55 -2.73
N LEU A 17 -9.40 -3.61 -3.29
CA LEU A 17 -8.21 -3.00 -2.68
C LEU A 17 -8.32 -1.47 -2.72
N LYS A 18 -7.66 -0.77 -1.81
CA LYS A 18 -7.83 0.68 -1.61
C LYS A 18 -6.52 1.44 -1.33
N LEU A 19 -6.48 2.72 -1.70
CA LEU A 19 -5.30 3.58 -1.67
C LEU A 19 -4.84 3.96 -0.24
N ALA A 20 -3.57 4.30 -0.10
CA ALA A 20 -2.89 4.46 1.19
C ALA A 20 -3.35 5.71 1.97
N GLY A 21 -3.67 5.57 3.26
CA GLY A 21 -4.17 6.65 4.12
C GLY A 21 -3.07 7.32 4.94
N GLY A 22 -2.29 6.49 5.65
CA GLY A 22 -1.11 6.86 6.42
C GLY A 22 -1.27 6.67 7.94
N LYS A 23 -1.68 5.46 8.38
CA LYS A 23 -2.05 5.20 9.79
C LYS A 23 -0.87 5.03 10.75
N LEU A 24 0.18 4.33 10.31
CA LEU A 24 1.35 3.91 11.09
C LEU A 24 2.59 3.88 10.18
N VAL A 25 3.81 4.00 10.74
CA VAL A 25 5.05 4.09 9.95
C VAL A 25 5.67 2.72 9.67
N LEU A 26 6.08 2.56 8.41
CA LEU A 26 6.73 1.41 7.80
C LEU A 26 7.94 1.85 6.94
N SER A 27 8.91 0.96 6.75
CA SER A 27 10.01 1.15 5.81
C SER A 27 9.59 0.69 4.41
N LYS A 28 10.54 0.67 3.46
CA LYS A 28 10.42 -0.02 2.16
C LYS A 28 9.86 -1.43 2.32
N GLU A 29 10.47 -2.19 3.22
CA GLU A 29 10.13 -3.59 3.45
C GLU A 29 8.79 -3.74 4.18
N GLY A 30 8.50 -2.83 5.12
CA GLY A 30 7.18 -2.78 5.74
C GLY A 30 6.08 -2.48 4.71
N ALA A 31 6.24 -1.45 3.87
CA ALA A 31 5.24 -1.08 2.86
C ALA A 31 4.99 -2.26 1.90
N GLU A 32 6.06 -2.91 1.42
CA GLU A 32 5.88 -4.06 0.53
C GLU A 32 5.23 -5.24 1.26
N GLN A 33 5.48 -5.42 2.57
CA GLN A 33 4.78 -6.44 3.37
C GLN A 33 3.28 -6.14 3.47
N ILE A 34 2.86 -4.88 3.63
CA ILE A 34 1.44 -4.53 3.56
C ILE A 34 0.89 -4.92 2.19
N ILE A 35 1.59 -4.64 1.09
CA ILE A 35 1.10 -5.07 -0.23
C ILE A 35 1.00 -6.58 -0.37
N SER A 36 1.86 -7.33 0.30
CA SER A 36 1.70 -8.77 0.42
C SER A 36 0.38 -9.11 1.13
N GLU A 37 0.03 -8.42 2.23
CA GLU A 37 -1.28 -8.59 2.89
C GLU A 37 -2.45 -8.16 1.98
N ILE A 38 -2.37 -7.00 1.32
CA ILE A 38 -3.43 -6.47 0.45
C ILE A 38 -3.72 -7.41 -0.73
N GLN A 39 -2.68 -7.73 -1.49
CA GLN A 39 -2.81 -8.65 -2.61
C GLN A 39 -3.24 -10.05 -2.14
N ASN A 40 -2.82 -10.48 -0.95
CA ASN A 40 -3.33 -11.72 -0.33
C ASN A 40 -4.83 -11.63 0.01
N GLN A 41 -5.37 -10.47 0.42
CA GLN A 41 -6.81 -10.32 0.69
C GLN A 41 -7.61 -10.41 -0.62
N LEU A 42 -7.05 -9.94 -1.75
CA LEU A 42 -7.68 -10.21 -3.06
C LEU A 42 -7.48 -11.67 -3.56
N GLN A 43 -6.28 -12.22 -3.42
CA GLN A 43 -5.85 -13.47 -4.10
C GLN A 43 -6.26 -14.75 -3.35
N ASN A 44 -6.17 -14.78 -2.01
CA ASN A 44 -6.32 -16.00 -1.23
C ASN A 44 -7.80 -16.43 -1.11
N LEU A 45 -8.75 -15.50 -1.22
CA LEU A 45 -10.19 -15.76 -1.11
C LEU A 45 -10.81 -16.15 -2.47
N LYS A 46 -10.31 -17.23 -3.07
CA LYS A 46 -10.73 -17.79 -4.37
C LYS A 46 -10.85 -19.32 -4.31
N MET B 1 10.40 14.52 21.24
CA MET B 1 9.48 13.88 20.26
C MET B 1 9.72 12.37 20.17
N ASN B 2 8.74 11.61 19.66
CA ASN B 2 8.85 10.16 19.43
C ASN B 2 9.80 9.81 18.26
N CYS B 3 10.28 8.56 18.26
CA CYS B 3 10.97 7.95 17.11
C CYS B 3 10.00 7.56 15.98
N MET B 4 10.55 7.27 14.80
CA MET B 4 9.87 6.58 13.71
C MET B 4 10.70 5.38 13.24
N THR B 5 10.08 4.20 13.22
CA THR B 5 10.57 2.95 12.66
C THR B 5 9.41 2.15 12.08
N CYS B 6 9.71 1.22 11.18
CA CYS B 6 8.77 0.22 10.74
C CYS B 6 8.28 -0.64 11.91
N GLN B 7 6.99 -0.61 12.21
CA GLN B 7 6.45 -1.45 13.30
C GLN B 7 6.27 -2.93 12.89
N VAL B 8 6.36 -3.23 11.58
CA VAL B 8 6.20 -4.59 10.98
C VAL B 8 7.54 -5.29 10.70
N THR B 9 8.63 -4.54 10.51
CA THR B 9 9.98 -5.06 10.20
C THR B 9 11.05 -4.56 11.17
N GLY B 10 10.94 -3.30 11.61
CA GLY B 10 11.88 -2.65 12.54
C GLY B 10 12.91 -1.74 11.85
N GLU B 11 12.78 -1.51 10.54
CA GLU B 11 13.65 -0.61 9.77
C GLU B 11 13.18 0.85 9.80
N VAL B 12 14.15 1.77 9.89
CA VAL B 12 13.95 3.24 9.88
C VAL B 12 14.51 3.88 8.61
N SER B 13 13.69 4.70 7.94
CA SER B 13 14.10 5.56 6.82
C SER B 13 13.40 6.91 6.94
N ASP B 14 14.12 8.02 6.75
CA ASP B 14 13.61 9.39 6.98
C ASP B 14 12.49 9.83 5.99
N ASP B 15 12.28 9.06 4.92
CA ASP B 15 11.16 9.19 3.99
C ASP B 15 9.83 8.59 4.49
N ASN B 16 9.88 7.79 5.56
CA ASN B 16 8.77 7.24 6.35
C ASN B 16 7.51 6.86 5.53
N LEU B 17 7.49 5.63 4.98
CA LEU B 17 6.31 5.05 4.34
C LEU B 17 5.24 4.76 5.41
N LYS B 18 3.96 4.72 5.03
CA LYS B 18 2.85 4.61 5.99
C LYS B 18 1.72 3.67 5.56
N LEU B 19 1.01 3.12 6.55
CA LEU B 19 -0.03 2.08 6.42
C LEU B 19 -1.33 2.57 5.77
N ALA B 20 -2.08 1.64 5.18
CA ALA B 20 -3.22 1.93 4.29
C ALA B 20 -4.53 2.24 5.03
N GLY B 21 -5.49 2.90 4.36
CA GLY B 21 -6.78 3.28 4.97
C GLY B 21 -7.96 3.43 3.99
N GLY B 22 -7.67 3.76 2.72
CA GLY B 22 -8.58 3.60 1.60
C GLY B 22 -9.15 4.91 1.04
N LYS B 23 -8.33 5.69 0.33
CA LYS B 23 -8.74 6.95 -0.31
C LYS B 23 -9.52 6.76 -1.63
N LEU B 24 -9.21 5.69 -2.37
CA LEU B 24 -9.78 5.34 -3.68
C LEU B 24 -9.66 3.82 -3.92
N VAL B 25 -10.48 3.23 -4.81
CA VAL B 25 -10.47 1.79 -5.11
C VAL B 25 -9.50 1.44 -6.26
N LEU B 26 -8.73 0.39 -6.01
CA LEU B 26 -7.76 -0.26 -6.89
C LEU B 26 -8.00 -1.79 -6.90
N SER B 27 -7.53 -2.48 -7.94
CA SER B 27 -7.45 -3.94 -7.97
C SER B 27 -6.02 -4.39 -7.60
N LYS B 28 -5.73 -5.68 -7.73
CA LYS B 28 -4.43 -6.32 -7.44
C LYS B 28 -3.28 -5.53 -8.05
N GLU B 29 -3.46 -5.19 -9.32
CA GLU B 29 -2.45 -4.52 -10.13
C GLU B 29 -2.31 -3.05 -9.72
N GLY B 30 -3.42 -2.38 -9.42
CA GLY B 30 -3.38 -1.02 -8.90
C GLY B 30 -2.70 -0.94 -7.54
N ALA B 31 -3.02 -1.84 -6.60
CA ALA B 31 -2.45 -1.84 -5.26
C ALA B 31 -0.92 -2.04 -5.35
N GLU B 32 -0.48 -2.99 -6.18
CA GLU B 32 0.98 -3.14 -6.38
C GLU B 32 1.62 -1.93 -7.10
N GLN B 33 0.87 -1.25 -7.98
CA GLN B 33 1.35 -0.02 -8.62
C GLN B 33 1.51 1.12 -7.60
N ILE B 34 0.64 1.19 -6.59
CA ILE B 34 0.88 2.05 -5.42
C ILE B 34 2.16 1.60 -4.70
N ILE B 35 2.43 0.31 -4.52
CA ILE B 35 3.73 -0.10 -3.93
C ILE B 35 4.92 0.41 -4.73
N SER B 36 4.82 0.42 -6.05
CA SER B 36 5.85 0.99 -6.91
C SER B 36 6.00 2.48 -6.59
N GLU B 37 4.90 3.23 -6.49
CA GLU B 37 4.95 4.66 -6.11
C GLU B 37 5.53 4.86 -4.71
N ILE B 38 5.06 4.11 -3.71
CA ILE B 38 5.48 4.23 -2.30
C ILE B 38 6.97 3.93 -2.12
N GLN B 39 7.42 2.78 -2.64
CA GLN B 39 8.83 2.43 -2.57
C GLN B 39 9.68 3.42 -3.37
N ASN B 40 9.14 3.99 -4.46
CA ASN B 40 9.78 5.14 -5.14
C ASN B 40 9.78 6.45 -4.32
N GLN B 41 8.83 6.70 -3.42
CA GLN B 41 8.91 7.84 -2.48
C GLN B 41 10.03 7.63 -1.48
N LEU B 42 10.30 6.39 -1.05
CA LEU B 42 11.52 6.12 -0.27
C LEU B 42 12.81 6.21 -1.13
N GLN B 43 12.81 5.64 -2.34
CA GLN B 43 14.04 5.47 -3.15
C GLN B 43 14.48 6.71 -3.95
N ASN B 44 13.56 7.41 -4.63
CA ASN B 44 13.89 8.35 -5.71
C ASN B 44 13.17 9.71 -5.65
N LEU B 45 11.90 9.74 -5.22
CA LEU B 45 11.04 10.93 -5.22
C LEU B 45 11.19 11.77 -3.95
N LYS B 46 10.69 13.03 -4.01
CA LYS B 46 10.75 14.12 -3.02
C LYS B 46 12.09 14.29 -2.28
N MET A 1 -26.16 1.77 -6.40
CA MET A 1 -25.13 0.75 -6.76
C MET A 1 -24.07 1.36 -7.68
N ASN A 2 -22.81 0.91 -7.55
CA ASN A 2 -21.67 1.37 -8.37
C ASN A 2 -20.71 0.20 -8.66
N CYS A 3 -20.00 0.26 -9.79
CA CYS A 3 -18.93 -0.69 -10.13
C CYS A 3 -17.59 -0.21 -9.54
N MET A 4 -17.13 -0.86 -8.47
CA MET A 4 -15.86 -0.55 -7.80
C MET A 4 -14.67 -1.10 -8.58
N THR A 5 -14.10 -0.27 -9.43
CA THR A 5 -13.02 -0.60 -10.38
C THR A 5 -11.74 0.19 -10.10
N CYS A 6 -10.60 -0.39 -10.45
CA CYS A 6 -9.30 0.26 -10.36
C CYS A 6 -9.20 1.53 -11.21
N GLN A 7 -8.88 2.69 -10.62
CA GLN A 7 -8.66 3.92 -11.40
C GLN A 7 -7.26 3.96 -12.08
N VAL A 8 -6.31 3.11 -11.65
CA VAL A 8 -4.93 3.07 -12.17
C VAL A 8 -4.75 2.01 -13.28
N THR A 9 -5.60 0.97 -13.32
CA THR A 9 -5.49 -0.16 -14.26
C THR A 9 -6.81 -0.48 -14.97
N GLY A 10 -7.94 -0.28 -14.29
CA GLY A 10 -9.29 -0.56 -14.80
C GLY A 10 -9.85 -1.93 -14.40
N GLU A 11 -9.14 -2.68 -13.55
CA GLU A 11 -9.56 -3.98 -13.04
C GLU A 11 -10.54 -3.90 -11.86
N VAL A 12 -11.52 -4.81 -11.86
CA VAL A 12 -12.63 -4.86 -10.90
C VAL A 12 -12.69 -6.23 -10.20
N SER A 13 -12.72 -6.20 -8.87
CA SER A 13 -13.02 -7.36 -8.00
C SER A 13 -14.14 -7.05 -7.00
N ASP A 14 -14.77 -8.09 -6.44
CA ASP A 14 -15.68 -7.96 -5.29
C ASP A 14 -14.90 -7.70 -3.98
N ASP A 15 -13.65 -8.17 -3.91
CA ASP A 15 -12.71 -8.03 -2.79
C ASP A 15 -11.75 -6.82 -2.97
N ASN A 16 -12.16 -5.80 -3.71
CA ASN A 16 -11.24 -4.84 -4.32
C ASN A 16 -10.45 -3.98 -3.31
N LEU A 17 -9.23 -3.65 -3.69
CA LEU A 17 -8.19 -2.99 -2.91
C LEU A 17 -8.40 -1.47 -2.86
N LYS A 18 -7.72 -0.79 -1.92
CA LYS A 18 -7.85 0.67 -1.74
C LYS A 18 -6.50 1.36 -1.48
N LEU A 19 -6.47 2.68 -1.75
CA LEU A 19 -5.27 3.53 -1.68
C LEU A 19 -4.74 3.75 -0.24
N ALA A 20 -3.61 4.43 -0.08
CA ALA A 20 -3.00 4.71 1.23
C ALA A 20 -3.89 5.60 2.14
N GLY A 21 -3.42 5.94 3.34
CA GLY A 21 -4.14 6.82 4.28
C GLY A 21 -3.17 7.48 5.26
N GLY A 22 -2.41 6.64 5.96
CA GLY A 22 -1.22 6.99 6.76
C GLY A 22 -1.36 6.64 8.25
N LYS A 23 -1.76 5.40 8.56
CA LYS A 23 -2.17 5.01 9.94
C LYS A 23 -1.00 4.81 10.92
N LEU A 24 0.10 4.23 10.45
CA LEU A 24 1.31 3.91 11.22
C LEU A 24 2.54 3.88 10.30
N VAL A 25 3.75 4.05 10.85
CA VAL A 25 5.01 4.11 10.07
C VAL A 25 5.62 2.74 9.81
N LEU A 26 6.04 2.56 8.57
CA LEU A 26 6.71 1.41 7.97
C LEU A 26 7.95 1.85 7.17
N SER A 27 8.92 0.96 7.01
CA SER A 27 10.06 1.15 6.11
C SER A 27 9.67 0.84 4.68
N LYS A 28 10.64 0.90 3.75
CA LYS A 28 10.54 0.34 2.38
C LYS A 28 10.00 -1.10 2.41
N GLU A 29 10.60 -1.90 3.29
CA GLU A 29 10.28 -3.33 3.42
C GLU A 29 8.93 -3.55 4.12
N GLY A 30 8.59 -2.70 5.10
CA GLY A 30 7.27 -2.70 5.70
C GLY A 30 6.18 -2.35 4.68
N ALA A 31 6.36 -1.30 3.86
CA ALA A 31 5.36 -0.91 2.88
C ALA A 31 5.12 -2.04 1.87
N GLU A 32 6.20 -2.68 1.38
CA GLU A 32 5.99 -3.83 0.49
C GLU A 32 5.37 -5.04 1.22
N GLN A 33 5.62 -5.21 2.53
CA GLN A 33 4.92 -6.23 3.31
C GLN A 33 3.42 -5.93 3.41
N ILE A 34 3.01 -4.66 3.49
CA ILE A 34 1.59 -4.31 3.33
C ILE A 34 1.11 -4.72 1.95
N ILE A 35 1.89 -4.52 0.87
CA ILE A 35 1.46 -5.06 -0.45
C ILE A 35 1.21 -6.55 -0.43
N SER A 36 2.02 -7.30 0.29
CA SER A 36 1.82 -8.74 0.46
C SER A 36 0.50 -9.00 1.19
N GLU A 37 0.18 -8.25 2.26
CA GLU A 37 -1.14 -8.37 2.92
C GLU A 37 -2.31 -7.96 2.00
N ILE A 38 -2.17 -6.83 1.30
CA ILE A 38 -3.22 -6.28 0.42
C ILE A 38 -3.52 -7.23 -0.76
N GLN A 39 -2.49 -7.61 -1.52
CA GLN A 39 -2.65 -8.55 -2.62
C GLN A 39 -3.12 -9.92 -2.10
N ASN A 40 -2.72 -10.34 -0.91
CA ASN A 40 -3.29 -11.54 -0.25
C ASN A 40 -4.81 -11.41 0.01
N GLN A 41 -5.34 -10.23 0.39
CA GLN A 41 -6.78 -10.01 0.49
C GLN A 41 -7.48 -10.09 -0.88
N LEU A 42 -6.88 -9.55 -1.96
CA LEU A 42 -7.46 -9.71 -3.32
C LEU A 42 -7.40 -11.17 -3.83
N GLN A 43 -6.36 -11.91 -3.45
CA GLN A 43 -6.03 -13.23 -4.00
C GLN A 43 -6.69 -14.41 -3.25
N ASN A 44 -6.73 -14.37 -1.91
CA ASN A 44 -7.00 -15.54 -1.06
C ASN A 44 -8.23 -15.38 -0.13
N LEU A 45 -8.99 -14.28 -0.25
CA LEU A 45 -10.26 -14.08 0.46
C LEU A 45 -11.47 -14.72 -0.25
N LYS A 46 -11.28 -15.15 -1.51
CA LYS A 46 -12.29 -15.78 -2.38
C LYS A 46 -12.61 -17.23 -1.97
N MET B 1 8.11 -0.39 20.20
CA MET B 1 8.80 0.45 19.19
C MET B 1 8.97 1.89 19.70
N ASN B 2 10.03 2.58 19.27
CA ASN B 2 10.32 4.00 19.58
C ASN B 2 10.74 4.76 18.30
N CYS B 3 10.45 6.06 18.25
CA CYS B 3 10.62 6.94 17.07
C CYS B 3 9.90 6.40 15.80
N MET B 4 10.13 7.04 14.64
CA MET B 4 9.60 6.55 13.36
C MET B 4 10.42 5.37 12.83
N THR B 5 9.92 4.17 13.15
CA THR B 5 10.45 2.87 12.74
C THR B 5 9.31 1.94 12.33
N CYS B 6 9.60 0.97 11.48
CA CYS B 6 8.64 -0.01 10.98
C CYS B 6 8.09 -0.92 12.09
N GLN B 7 6.78 -0.93 12.32
CA GLN B 7 6.17 -1.87 13.26
C GLN B 7 6.04 -3.32 12.69
N VAL B 8 6.21 -3.50 11.38
CA VAL B 8 6.07 -4.80 10.68
C VAL B 8 7.43 -5.50 10.41
N THR B 9 8.52 -4.73 10.37
CA THR B 9 9.89 -5.23 10.10
C THR B 9 10.93 -4.78 11.15
N GLY B 10 10.75 -3.57 11.68
CA GLY B 10 11.65 -2.97 12.68
C GLY B 10 12.69 -2.00 12.09
N GLU B 11 12.62 -1.73 10.78
CA GLU B 11 13.53 -0.82 10.07
C GLU B 11 13.08 0.64 10.09
N VAL B 12 14.05 1.55 10.14
CA VAL B 12 13.85 3.01 10.04
C VAL B 12 14.34 3.51 8.68
N SER B 13 13.51 4.31 7.99
CA SER B 13 13.81 4.83 6.65
C SER B 13 13.61 6.34 6.55
N ASP B 14 14.36 7.00 5.66
CA ASP B 14 14.52 8.47 5.62
C ASP B 14 13.21 9.25 5.42
N ASP B 15 12.27 8.67 4.67
CA ASP B 15 10.99 9.29 4.29
C ASP B 15 9.76 8.53 4.84
N ASN B 16 9.96 7.69 5.86
CA ASN B 16 8.94 7.09 6.74
C ASN B 16 7.59 6.78 6.04
N LEU B 17 7.55 5.68 5.28
CA LEU B 17 6.35 5.22 4.57
C LEU B 17 5.24 4.88 5.58
N LYS B 18 3.97 4.93 5.16
CA LYS B 18 2.82 4.82 6.08
C LYS B 18 1.72 3.86 5.61
N LEU B 19 1.01 3.28 6.59
CA LEU B 19 0.01 2.23 6.40
C LEU B 19 -1.28 2.75 5.75
N ALA B 20 -2.03 1.85 5.10
CA ALA B 20 -3.12 2.20 4.18
C ALA B 20 -4.47 2.47 4.89
N GLY B 21 -5.38 3.20 4.22
CA GLY B 21 -6.69 3.56 4.80
C GLY B 21 -7.84 3.68 3.79
N GLY B 22 -7.53 3.92 2.52
CA GLY B 22 -8.45 3.72 1.40
C GLY B 22 -9.13 4.97 0.88
N LYS B 23 -8.38 5.82 0.17
CA LYS B 23 -8.90 7.05 -0.47
C LYS B 23 -9.64 6.81 -1.79
N LEU B 24 -9.25 5.76 -2.52
CA LEU B 24 -9.80 5.36 -3.82
C LEU B 24 -9.64 3.85 -4.04
N VAL B 25 -10.44 3.25 -4.92
CA VAL B 25 -10.43 1.81 -5.22
C VAL B 25 -9.46 1.45 -6.35
N LEU B 26 -8.67 0.40 -6.09
CA LEU B 26 -7.66 -0.22 -6.96
C LEU B 26 -7.85 -1.75 -6.96
N SER B 27 -7.32 -2.46 -7.97
CA SER B 27 -7.23 -3.93 -7.96
C SER B 27 -5.82 -4.37 -7.60
N LYS B 28 -5.51 -5.67 -7.70
CA LYS B 28 -4.20 -6.28 -7.38
C LYS B 28 -3.05 -5.51 -8.03
N GLU B 29 -3.24 -5.16 -9.30
CA GLU B 29 -2.23 -4.47 -10.11
C GLU B 29 -2.17 -2.97 -9.77
N GLY B 30 -3.32 -2.35 -9.49
CA GLY B 30 -3.35 -0.98 -8.99
C GLY B 30 -2.64 -0.85 -7.64
N ALA B 31 -2.94 -1.72 -6.67
CA ALA B 31 -2.32 -1.68 -5.35
C ALA B 31 -0.80 -1.87 -5.47
N GLU B 32 -0.35 -2.83 -6.29
CA GLU B 32 1.11 -2.97 -6.47
C GLU B 32 1.74 -1.73 -7.16
N GLN B 33 1.00 -1.06 -8.06
CA GLN B 33 1.47 0.19 -8.67
C GLN B 33 1.59 1.32 -7.64
N ILE B 34 0.69 1.40 -6.66
CA ILE B 34 0.87 2.32 -5.52
C ILE B 34 2.15 1.95 -4.77
N ILE B 35 2.41 0.68 -4.49
CA ILE B 35 3.67 0.32 -3.81
C ILE B 35 4.91 0.66 -4.62
N SER B 36 4.83 0.62 -5.95
CA SER B 36 5.87 1.16 -6.81
C SER B 36 6.06 2.66 -6.56
N GLU B 37 4.96 3.44 -6.46
CA GLU B 37 5.03 4.86 -6.11
C GLU B 37 5.59 5.08 -4.69
N ILE B 38 5.09 4.36 -3.68
CA ILE B 38 5.50 4.50 -2.29
C ILE B 38 7.01 4.20 -2.13
N GLN B 39 7.43 3.02 -2.58
CA GLN B 39 8.84 2.63 -2.50
C GLN B 39 9.74 3.55 -3.34
N ASN B 40 9.23 4.09 -4.46
CA ASN B 40 9.92 5.14 -5.22
C ASN B 40 10.07 6.46 -4.44
N GLN B 41 9.10 6.88 -3.60
CA GLN B 41 9.30 8.05 -2.73
C GLN B 41 10.39 7.77 -1.69
N LEU B 42 10.39 6.56 -1.10
CA LEU B 42 11.45 6.15 -0.16
C LEU B 42 12.83 6.05 -0.82
N GLN B 43 12.90 5.63 -2.08
CA GLN B 43 14.16 5.53 -2.84
C GLN B 43 14.69 6.91 -3.26
N ASN B 44 13.82 7.82 -3.70
CA ASN B 44 14.20 9.13 -4.24
C ASN B 44 14.65 10.14 -3.17
N LEU B 45 14.03 10.12 -1.98
CA LEU B 45 14.36 11.04 -0.88
C LEU B 45 15.63 10.55 -0.14
N LYS B 46 16.75 11.24 -0.37
CA LYS B 46 18.10 10.93 0.17
C LYS B 46 18.86 12.22 0.52
N MET A 1 -18.24 6.38 -10.28
CA MET A 1 -18.31 5.22 -11.19
C MET A 1 -19.48 4.31 -10.81
N ASN A 2 -20.06 3.60 -11.78
CA ASN A 2 -21.18 2.66 -11.55
C ASN A 2 -20.74 1.37 -10.80
N CYS A 3 -19.49 0.95 -11.01
CA CYS A 3 -18.86 -0.22 -10.38
C CYS A 3 -17.54 0.17 -9.70
N MET A 4 -17.10 -0.63 -8.71
CA MET A 4 -15.81 -0.44 -8.04
C MET A 4 -14.64 -0.93 -8.92
N THR A 5 -14.04 0.02 -9.63
CA THR A 5 -12.98 -0.17 -10.63
C THR A 5 -11.67 0.48 -10.21
N CYS A 6 -10.55 -0.07 -10.66
CA CYS A 6 -9.23 0.50 -10.42
C CYS A 6 -9.04 1.84 -11.15
N GLN A 7 -8.75 2.92 -10.42
CA GLN A 7 -8.44 4.22 -11.05
C GLN A 7 -7.06 4.24 -11.73
N VAL A 8 -6.13 3.36 -11.35
CA VAL A 8 -4.73 3.33 -11.82
C VAL A 8 -4.49 2.33 -12.96
N THR A 9 -5.36 1.32 -13.11
CA THR A 9 -5.25 0.25 -14.13
C THR A 9 -6.53 0.03 -14.93
N GLY A 10 -7.68 0.26 -14.30
CA GLY A 10 -9.01 0.07 -14.91
C GLY A 10 -9.63 -1.31 -14.63
N GLU A 11 -8.96 -2.15 -13.83
CA GLU A 11 -9.46 -3.47 -13.43
C GLU A 11 -10.44 -3.42 -12.26
N VAL A 12 -11.45 -4.27 -12.33
CA VAL A 12 -12.49 -4.46 -11.30
C VAL A 12 -12.27 -5.82 -10.63
N SER A 13 -12.15 -5.84 -9.30
CA SER A 13 -12.03 -7.08 -8.50
C SER A 13 -13.02 -7.06 -7.34
N ASP A 14 -13.59 -8.22 -7.04
CA ASP A 14 -14.69 -8.40 -6.08
C ASP A 14 -14.36 -7.93 -4.65
N ASP A 15 -13.11 -8.10 -4.21
CA ASP A 15 -12.67 -7.73 -2.85
C ASP A 15 -12.10 -6.30 -2.77
N ASN A 16 -12.08 -5.57 -3.90
CA ASN A 16 -11.87 -4.12 -4.01
C ASN A 16 -10.79 -3.52 -3.08
N LEU A 17 -9.51 -3.62 -3.47
CA LEU A 17 -8.35 -3.06 -2.76
C LEU A 17 -8.42 -1.52 -2.78
N LYS A 18 -7.75 -0.85 -1.83
CA LYS A 18 -7.91 0.60 -1.62
C LYS A 18 -6.61 1.37 -1.32
N LEU A 19 -6.60 2.65 -1.69
CA LEU A 19 -5.43 3.54 -1.66
C LEU A 19 -5.01 3.96 -0.24
N ALA A 20 -3.74 4.31 -0.08
CA ALA A 20 -3.09 4.47 1.22
C ALA A 20 -3.43 5.81 1.91
N GLY A 21 -3.65 5.79 3.24
CA GLY A 21 -4.06 6.97 4.01
C GLY A 21 -2.93 7.59 4.85
N GLY A 22 -2.19 6.73 5.55
CA GLY A 22 -0.98 7.06 6.31
C GLY A 22 -1.13 6.79 7.81
N LYS A 23 -1.50 5.55 8.16
CA LYS A 23 -2.04 5.18 9.48
C LYS A 23 -1.00 4.82 10.55
N LEU A 24 0.16 4.27 10.15
CA LEU A 24 1.34 3.98 10.97
C LEU A 24 2.61 3.96 10.09
N VAL A 25 3.80 4.15 10.66
CA VAL A 25 5.06 4.21 9.91
C VAL A 25 5.68 2.84 9.66
N LEU A 26 6.08 2.63 8.41
CA LEU A 26 6.78 1.48 7.84
C LEU A 26 7.98 1.95 7.00
N SER A 27 8.98 1.09 6.81
CA SER A 27 10.05 1.29 5.81
C SER A 27 9.71 0.57 4.51
N LYS A 28 10.65 0.54 3.56
CA LYS A 28 10.50 -0.08 2.23
C LYS A 28 9.93 -1.50 2.31
N GLU A 29 10.48 -2.28 3.26
CA GLU A 29 10.12 -3.68 3.41
C GLU A 29 8.80 -3.85 4.19
N GLY A 30 8.51 -2.94 5.12
CA GLY A 30 7.21 -2.89 5.75
C GLY A 30 6.11 -2.57 4.74
N ALA A 31 6.28 -1.53 3.91
CA ALA A 31 5.28 -1.15 2.91
C ALA A 31 5.03 -2.31 1.94
N GLU A 32 6.10 -2.95 1.46
CA GLU A 32 5.89 -4.10 0.56
C GLU A 32 5.21 -5.28 1.29
N GLN A 33 5.46 -5.47 2.60
CA GLN A 33 4.74 -6.47 3.39
C GLN A 33 3.24 -6.13 3.52
N ILE A 34 2.86 -4.86 3.64
CA ILE A 34 1.44 -4.49 3.57
C ILE A 34 0.88 -4.90 2.21
N ILE A 35 1.60 -4.63 1.12
CA ILE A 35 1.10 -5.09 -0.20
C ILE A 35 0.98 -6.60 -0.32
N SER A 36 1.83 -7.36 0.38
CA SER A 36 1.65 -8.80 0.51
C SER A 36 0.33 -9.10 1.23
N GLU A 37 -0.01 -8.40 2.33
CA GLU A 37 -1.32 -8.55 2.99
C GLU A 37 -2.49 -8.12 2.08
N ILE A 38 -2.39 -6.97 1.40
CA ILE A 38 -3.44 -6.43 0.53
C ILE A 38 -3.72 -7.40 -0.65
N GLN A 39 -2.69 -7.73 -1.42
CA GLN A 39 -2.84 -8.65 -2.54
C GLN A 39 -3.29 -10.05 -2.06
N ASN A 40 -2.83 -10.48 -0.87
CA ASN A 40 -3.35 -11.70 -0.24
C ASN A 40 -4.85 -11.61 0.05
N GLN A 41 -5.42 -10.48 0.48
CA GLN A 41 -6.88 -10.35 0.64
C GLN A 41 -7.60 -10.41 -0.73
N LEU A 42 -7.01 -9.83 -1.79
CA LEU A 42 -7.56 -9.98 -3.16
C LEU A 42 -7.46 -11.44 -3.70
N GLN A 43 -6.47 -12.21 -3.25
CA GLN A 43 -6.25 -13.62 -3.64
C GLN A 43 -7.00 -14.66 -2.78
N ASN A 44 -7.28 -14.38 -1.50
CA ASN A 44 -7.75 -15.37 -0.51
C ASN A 44 -9.13 -15.97 -0.86
N LEU A 45 -10.04 -15.14 -1.40
CA LEU A 45 -11.39 -15.53 -1.81
C LEU A 45 -11.61 -15.17 -3.28
N LYS A 46 -11.61 -16.17 -4.17
CA LYS A 46 -11.75 -16.05 -5.63
C LYS A 46 -12.77 -17.05 -6.19
N MET B 1 14.47 8.84 23.47
CA MET B 1 13.45 9.61 22.70
C MET B 1 12.77 8.73 21.64
N ASN B 2 11.58 9.12 21.19
CA ASN B 2 10.85 8.43 20.11
C ASN B 2 11.52 8.67 18.73
N CYS B 3 11.38 7.69 17.82
CA CYS B 3 11.86 7.76 16.44
C CYS B 3 10.90 7.00 15.49
N MET B 4 10.78 7.46 14.24
CA MET B 4 9.96 6.83 13.20
C MET B 4 10.65 5.57 12.65
N THR B 5 10.16 4.41 13.05
CA THR B 5 10.63 3.08 12.63
C THR B 5 9.46 2.18 12.21
N CYS B 6 9.73 1.21 11.34
CA CYS B 6 8.78 0.23 10.88
C CYS B 6 8.29 -0.67 12.03
N GLN B 7 6.97 -0.75 12.28
CA GLN B 7 6.44 -1.70 13.28
C GLN B 7 6.32 -3.15 12.75
N VAL B 8 6.39 -3.35 11.43
CA VAL B 8 6.29 -4.68 10.76
C VAL B 8 7.66 -5.34 10.53
N THR B 9 8.74 -4.55 10.44
CA THR B 9 10.12 -5.04 10.16
C THR B 9 11.16 -4.52 11.16
N GLY B 10 10.99 -3.29 11.63
CA GLY B 10 11.93 -2.61 12.53
C GLY B 10 12.98 -1.76 11.82
N GLU B 11 12.85 -1.56 10.51
CA GLU B 11 13.71 -0.67 9.71
C GLU B 11 13.28 0.81 9.83
N VAL B 12 14.26 1.71 9.87
CA VAL B 12 14.07 3.18 9.92
C VAL B 12 14.64 3.86 8.67
N SER B 13 13.83 4.68 8.01
CA SER B 13 14.23 5.66 7.00
C SER B 13 13.49 6.98 7.23
N ASP B 14 14.14 8.13 7.06
CA ASP B 14 13.51 9.44 7.24
C ASP B 14 12.52 9.77 6.09
N ASP B 15 12.68 9.16 4.93
CA ASP B 15 11.74 9.13 3.80
C ASP B 15 10.57 8.15 4.05
N ASN B 16 10.08 8.16 5.30
CA ASN B 16 9.21 7.18 5.93
C ASN B 16 7.90 6.89 5.17
N LEU B 17 7.61 5.59 4.97
CA LEU B 17 6.38 5.07 4.36
C LEU B 17 5.28 4.88 5.41
N LYS B 18 4.02 4.89 5.00
CA LYS B 18 2.88 4.81 5.93
C LYS B 18 1.74 3.89 5.47
N LEU B 19 1.05 3.31 6.45
CA LEU B 19 0.03 2.25 6.32
C LEU B 19 -1.28 2.72 5.68
N ALA B 20 -2.06 1.78 5.14
CA ALA B 20 -3.23 2.06 4.30
C ALA B 20 -4.48 2.48 5.11
N GLY B 21 -5.44 3.14 4.45
CA GLY B 21 -6.69 3.61 5.09
C GLY B 21 -7.92 3.53 4.18
N GLY B 22 -7.73 3.67 2.86
CA GLY B 22 -8.71 3.33 1.83
C GLY B 22 -9.38 4.54 1.17
N LYS B 23 -8.58 5.37 0.47
CA LYS B 23 -9.06 6.65 -0.11
C LYS B 23 -9.81 6.52 -1.45
N LEU B 24 -9.45 5.54 -2.27
CA LEU B 24 -10.06 5.22 -3.57
C LEU B 24 -9.81 3.73 -3.92
N VAL B 25 -10.61 3.14 -4.81
CA VAL B 25 -10.54 1.71 -5.15
C VAL B 25 -9.56 1.41 -6.29
N LEU B 26 -8.80 0.34 -6.06
CA LEU B 26 -7.83 -0.29 -6.95
C LEU B 26 -8.07 -1.82 -7.02
N SER B 27 -7.61 -2.47 -8.08
CA SER B 27 -7.52 -3.94 -8.17
C SER B 27 -6.15 -4.39 -7.64
N LYS B 28 -5.84 -5.69 -7.72
CA LYS B 28 -4.54 -6.29 -7.39
C LYS B 28 -3.38 -5.52 -8.02
N GLU B 29 -3.52 -5.23 -9.31
CA GLU B 29 -2.47 -4.57 -10.09
C GLU B 29 -2.35 -3.09 -9.72
N GLY B 30 -3.46 -2.42 -9.42
CA GLY B 30 -3.44 -1.07 -8.90
C GLY B 30 -2.77 -0.99 -7.52
N ALA B 31 -3.08 -1.89 -6.59
CA ALA B 31 -2.49 -1.86 -5.24
C ALA B 31 -0.98 -2.05 -5.32
N GLU B 32 -0.53 -3.01 -6.16
CA GLU B 32 0.93 -3.14 -6.35
C GLU B 32 1.55 -1.93 -7.09
N GLN B 33 0.79 -1.26 -7.98
CA GLN B 33 1.26 -0.01 -8.58
C GLN B 33 1.46 1.08 -7.51
N ILE B 34 0.58 1.14 -6.50
CA ILE B 34 0.82 2.01 -5.33
C ILE B 34 2.10 1.58 -4.62
N ILE B 35 2.38 0.28 -4.46
CA ILE B 35 3.70 -0.12 -3.89
C ILE B 35 4.89 0.43 -4.67
N SER B 36 4.77 0.43 -5.99
CA SER B 36 5.81 1.00 -6.85
C SER B 36 5.95 2.50 -6.57
N GLU B 37 4.85 3.24 -6.44
CA GLU B 37 4.90 4.66 -6.03
C GLU B 37 5.49 4.83 -4.63
N ILE B 38 5.01 4.07 -3.63
CA ILE B 38 5.44 4.16 -2.23
C ILE B 38 6.94 3.87 -2.08
N GLN B 39 7.40 2.72 -2.56
CA GLN B 39 8.82 2.37 -2.51
C GLN B 39 9.67 3.36 -3.32
N ASN B 40 9.13 3.91 -4.42
CA ASN B 40 9.78 5.01 -5.14
C ASN B 40 9.83 6.33 -4.34
N GLN B 41 8.88 6.64 -3.44
CA GLN B 41 8.97 7.79 -2.55
C GLN B 41 10.08 7.58 -1.52
N LEU B 42 10.22 6.37 -0.96
CA LEU B 42 11.38 6.11 -0.07
C LEU B 42 12.72 6.23 -0.82
N GLN B 43 12.77 5.71 -2.06
CA GLN B 43 13.99 5.67 -2.87
C GLN B 43 14.40 7.04 -3.46
N ASN B 44 13.43 7.91 -3.81
CA ASN B 44 13.66 9.09 -4.65
C ASN B 44 12.85 10.35 -4.23
N LEU B 45 12.46 10.47 -2.95
CA LEU B 45 12.14 11.78 -2.34
C LEU B 45 13.40 12.68 -2.28
N LYS B 46 14.58 12.05 -2.16
CA LYS B 46 15.91 12.65 -2.41
C LYS B 46 16.31 12.54 -3.88
N MET A 1 -24.90 -1.62 -6.89
CA MET A 1 -23.95 -1.99 -7.98
C MET A 1 -22.58 -2.35 -7.42
N ASN A 2 -21.81 -3.18 -8.14
CA ASN A 2 -20.48 -3.69 -7.74
C ASN A 2 -19.32 -3.17 -8.60
N CYS A 3 -19.52 -2.04 -9.31
CA CYS A 3 -18.60 -1.48 -10.32
C CYS A 3 -17.36 -0.77 -9.73
N MET A 4 -16.88 -1.22 -8.56
CA MET A 4 -15.69 -0.69 -7.89
C MET A 4 -14.42 -1.14 -8.62
N THR A 5 -13.99 -0.27 -9.51
CA THR A 5 -12.88 -0.48 -10.45
C THR A 5 -11.62 0.23 -10.01
N CYS A 6 -10.46 -0.31 -10.40
CA CYS A 6 -9.18 0.34 -10.27
C CYS A 6 -9.12 1.61 -11.09
N GLN A 7 -8.95 2.76 -10.43
CA GLN A 7 -8.87 4.04 -11.14
C GLN A 7 -7.45 4.31 -11.72
N VAL A 8 -6.47 3.44 -11.42
CA VAL A 8 -5.06 3.48 -11.88
C VAL A 8 -4.75 2.46 -13.00
N THR A 9 -5.51 1.36 -13.10
CA THR A 9 -5.35 0.30 -14.11
C THR A 9 -6.62 -0.01 -14.91
N GLY A 10 -7.78 0.05 -14.24
CA GLY A 10 -9.09 -0.24 -14.83
C GLY A 10 -9.64 -1.64 -14.52
N GLU A 11 -8.95 -2.43 -13.69
CA GLU A 11 -9.39 -3.76 -13.25
C GLU A 11 -10.39 -3.70 -12.09
N VAL A 12 -11.38 -4.58 -12.11
CA VAL A 12 -12.47 -4.66 -11.11
C VAL A 12 -12.49 -6.03 -10.41
N SER A 13 -12.54 -6.02 -9.08
CA SER A 13 -12.85 -7.18 -8.23
C SER A 13 -13.82 -6.81 -7.11
N ASP A 14 -14.68 -7.74 -6.69
CA ASP A 14 -15.56 -7.57 -5.52
C ASP A 14 -14.79 -7.51 -4.19
N ASP A 15 -13.58 -8.08 -4.15
CA ASP A 15 -12.60 -8.00 -3.07
C ASP A 15 -11.67 -6.77 -3.21
N ASN A 16 -12.23 -5.65 -3.67
CA ASN A 16 -11.55 -4.40 -4.03
C ASN A 16 -10.52 -3.88 -3.01
N LEU A 17 -9.31 -3.59 -3.49
CA LEU A 17 -8.21 -2.94 -2.76
C LEU A 17 -8.39 -1.41 -2.77
N LYS A 18 -7.69 -0.69 -1.87
CA LYS A 18 -7.85 0.77 -1.73
C LYS A 18 -6.54 1.52 -1.41
N LEU A 19 -6.50 2.79 -1.82
CA LEU A 19 -5.32 3.67 -1.80
C LEU A 19 -4.89 4.11 -0.38
N ALA A 20 -3.62 4.47 -0.22
CA ALA A 20 -2.97 4.69 1.08
C ALA A 20 -3.25 6.07 1.70
N GLY A 21 -3.13 6.19 3.03
CA GLY A 21 -3.42 7.45 3.76
C GLY A 21 -2.55 7.68 5.01
N GLY A 22 -2.08 6.60 5.64
CA GLY A 22 -0.99 6.62 6.62
C GLY A 22 -1.43 6.40 8.07
N LYS A 23 -1.86 5.16 8.40
CA LYS A 23 -2.30 4.80 9.77
C LYS A 23 -1.14 4.57 10.76
N LEU A 24 -0.02 4.02 10.30
CA LEU A 24 1.19 3.70 11.07
C LEU A 24 2.43 3.70 10.16
N VAL A 25 3.63 3.87 10.72
CA VAL A 25 4.90 3.98 9.98
C VAL A 25 5.55 2.61 9.71
N LEU A 26 5.98 2.45 8.47
CA LEU A 26 6.67 1.31 7.87
C LEU A 26 7.88 1.75 7.04
N SER A 27 8.85 0.86 6.82
CA SER A 27 9.98 1.08 5.90
C SER A 27 9.61 0.64 4.48
N LYS A 28 10.58 0.65 3.56
CA LYS A 28 10.50 0.01 2.23
C LYS A 28 9.98 -1.43 2.34
N GLU A 29 10.55 -2.18 3.27
CA GLU A 29 10.25 -3.60 3.46
C GLU A 29 8.90 -3.79 4.18
N GLY A 30 8.59 -2.90 5.12
CA GLY A 30 7.27 -2.87 5.72
C GLY A 30 6.17 -2.59 4.69
N ALA A 31 6.34 -1.58 3.83
CA ALA A 31 5.33 -1.22 2.84
C ALA A 31 5.10 -2.37 1.85
N GLU A 32 6.19 -2.99 1.37
CA GLU A 32 5.99 -4.14 0.46
C GLU A 32 5.30 -5.33 1.17
N GLN A 33 5.55 -5.51 2.47
CA GLN A 33 4.85 -6.52 3.26
C GLN A 33 3.36 -6.22 3.44
N ILE A 34 2.95 -4.95 3.58
CA ILE A 34 1.52 -4.60 3.49
C ILE A 34 0.99 -5.00 2.11
N ILE A 35 1.71 -4.72 1.03
CA ILE A 35 1.23 -5.13 -0.31
C ILE A 35 1.08 -6.64 -0.46
N SER A 36 1.93 -7.42 0.22
CA SER A 36 1.71 -8.86 0.35
C SER A 36 0.37 -9.13 1.04
N GLU A 37 0.08 -8.49 2.18
CA GLU A 37 -1.23 -8.63 2.86
C GLU A 37 -2.40 -8.19 1.95
N ILE A 38 -2.30 -7.04 1.30
CA ILE A 38 -3.35 -6.46 0.44
C ILE A 38 -3.66 -7.40 -0.74
N GLN A 39 -2.64 -7.78 -1.52
CA GLN A 39 -2.83 -8.64 -2.68
C GLN A 39 -3.33 -10.03 -2.27
N ASN A 40 -2.90 -10.53 -1.11
CA ASN A 40 -3.40 -11.77 -0.52
C ASN A 40 -4.87 -11.64 -0.08
N GLN A 41 -5.34 -10.46 0.36
CA GLN A 41 -6.72 -10.25 0.78
C GLN A 41 -7.65 -10.15 -0.43
N LEU A 42 -7.20 -9.60 -1.56
CA LEU A 42 -7.95 -9.75 -2.83
C LEU A 42 -8.02 -11.20 -3.30
N GLN A 43 -6.89 -11.89 -3.31
CA GLN A 43 -6.78 -13.26 -3.84
C GLN A 43 -7.31 -14.34 -2.87
N ASN A 44 -7.61 -13.98 -1.61
CA ASN A 44 -8.10 -14.85 -0.54
C ASN A 44 -7.08 -15.96 -0.18
N LEU A 45 -5.81 -15.58 -0.10
CA LEU A 45 -4.68 -16.46 0.28
C LEU A 45 -4.42 -16.46 1.79
N LYS A 46 -4.82 -15.41 2.50
CA LYS A 46 -4.80 -15.28 3.98
C LYS A 46 -5.87 -14.28 4.45
N MET B 1 9.39 11.36 22.30
CA MET B 1 8.81 10.22 21.53
C MET B 1 9.91 9.36 20.89
N ASN B 2 9.59 8.12 20.51
CA ASN B 2 10.48 7.24 19.74
C ASN B 2 10.67 7.74 18.29
N CYS B 3 11.79 7.39 17.66
CA CYS B 3 12.01 7.62 16.22
C CYS B 3 10.97 6.85 15.35
N MET B 4 10.70 7.36 14.15
CA MET B 4 9.75 6.76 13.21
C MET B 4 10.32 5.51 12.54
N THR B 5 9.97 4.35 13.09
CA THR B 5 10.45 3.02 12.69
C THR B 5 9.32 2.12 12.20
N CYS B 6 9.62 1.17 11.33
CA CYS B 6 8.70 0.16 10.86
C CYS B 6 8.20 -0.76 11.98
N GLN B 7 6.88 -0.87 12.16
CA GLN B 7 6.29 -1.82 13.11
C GLN B 7 6.28 -3.28 12.61
N VAL B 8 6.41 -3.50 11.29
CA VAL B 8 6.38 -4.84 10.65
C VAL B 8 7.79 -5.45 10.47
N THR B 9 8.84 -4.62 10.41
CA THR B 9 10.23 -5.04 10.14
C THR B 9 11.24 -4.48 11.12
N GLY B 10 11.00 -3.25 11.63
CA GLY B 10 11.90 -2.54 12.56
C GLY B 10 12.91 -1.60 11.90
N GLU B 11 12.79 -1.37 10.59
CA GLU B 11 13.62 -0.43 9.82
C GLU B 11 13.14 1.01 9.87
N VAL B 12 14.08 1.94 9.92
CA VAL B 12 13.86 3.40 10.08
C VAL B 12 14.48 4.20 8.93
N SER B 13 13.66 5.03 8.28
CA SER B 13 14.10 6.02 7.28
C SER B 13 13.56 7.43 7.59
N ASP B 14 14.21 8.47 7.07
CA ASP B 14 13.71 9.86 7.17
C ASP B 14 12.50 10.13 6.25
N ASP B 15 12.43 9.41 5.13
CA ASP B 15 11.39 9.46 4.10
C ASP B 15 10.28 8.41 4.31
N ASN B 16 10.10 7.96 5.56
CA ASN B 16 9.39 6.73 5.93
C ASN B 16 7.95 6.60 5.41
N LEU B 17 7.60 5.35 5.06
CA LEU B 17 6.36 4.92 4.43
C LEU B 17 5.26 4.67 5.46
N LYS B 18 3.99 4.71 5.03
CA LYS B 18 2.83 4.71 5.95
C LYS B 18 1.68 3.81 5.46
N LEU B 19 0.96 3.22 6.42
CA LEU B 19 -0.01 2.14 6.20
C LEU B 19 -1.30 2.60 5.47
N ALA B 20 -2.01 1.64 4.87
CA ALA B 20 -3.13 1.92 3.95
C ALA B 20 -4.38 2.48 4.67
N GLY B 21 -4.96 3.56 4.13
CA GLY B 21 -6.13 4.25 4.72
C GLY B 21 -7.45 3.83 4.07
N GLY B 22 -7.48 3.89 2.74
CA GLY B 22 -8.57 3.44 1.87
C GLY B 22 -9.28 4.57 1.11
N LYS B 23 -8.52 5.41 0.38
CA LYS B 23 -9.02 6.68 -0.19
C LYS B 23 -9.77 6.55 -1.52
N LEU B 24 -9.37 5.60 -2.36
CA LEU B 24 -9.95 5.30 -3.69
C LEU B 24 -9.71 3.82 -4.03
N VAL B 25 -10.51 3.23 -4.94
CA VAL B 25 -10.44 1.79 -5.26
C VAL B 25 -9.41 1.46 -6.33
N LEU B 26 -8.67 0.37 -6.05
CA LEU B 26 -7.68 -0.29 -6.88
C LEU B 26 -7.92 -1.81 -6.90
N SER B 27 -7.43 -2.51 -7.92
CA SER B 27 -7.36 -3.99 -7.94
C SER B 27 -5.95 -4.44 -7.59
N LYS B 28 -5.65 -5.74 -7.69
CA LYS B 28 -4.34 -6.36 -7.41
C LYS B 28 -3.19 -5.56 -8.04
N GLU B 29 -3.40 -5.21 -9.31
CA GLU B 29 -2.42 -4.52 -10.14
C GLU B 29 -2.28 -3.05 -9.71
N GLY B 30 -3.39 -2.38 -9.41
CA GLY B 30 -3.36 -1.03 -8.90
C GLY B 30 -2.68 -0.93 -7.54
N ALA B 31 -2.98 -1.85 -6.60
CA ALA B 31 -2.38 -1.82 -5.28
C ALA B 31 -0.85 -2.03 -5.39
N GLU B 32 -0.42 -2.98 -6.24
CA GLU B 32 1.03 -3.12 -6.44
C GLU B 32 1.66 -1.91 -7.16
N GLN B 33 0.91 -1.22 -8.04
CA GLN B 33 1.36 0.02 -8.67
C GLN B 33 1.55 1.14 -7.62
N ILE B 34 0.69 1.18 -6.60
CA ILE B 34 0.94 2.02 -5.43
C ILE B 34 2.21 1.58 -4.72
N ILE B 35 2.51 0.28 -4.56
CA ILE B 35 3.82 -0.11 -3.99
C ILE B 35 5.00 0.44 -4.77
N SER B 36 4.90 0.45 -6.09
CA SER B 36 5.95 1.03 -6.94
C SER B 36 6.07 2.53 -6.66
N GLU B 37 4.94 3.26 -6.52
CA GLU B 37 4.98 4.68 -6.12
C GLU B 37 5.53 4.88 -4.68
N ILE B 38 5.08 4.07 -3.72
CA ILE B 38 5.48 4.17 -2.31
C ILE B 38 6.99 3.92 -2.15
N GLN B 39 7.46 2.77 -2.65
CA GLN B 39 8.89 2.45 -2.60
C GLN B 39 9.72 3.45 -3.42
N ASN B 40 9.19 4.00 -4.52
CA ASN B 40 9.80 5.15 -5.19
C ASN B 40 10.00 6.35 -4.25
N GLN B 41 9.01 6.71 -3.42
CA GLN B 41 9.15 7.84 -2.49
C GLN B 41 10.18 7.55 -1.39
N LEU B 42 10.26 6.31 -0.87
CA LEU B 42 11.36 5.93 0.04
C LEU B 42 12.74 6.01 -0.64
N GLN B 43 12.83 5.65 -1.92
CA GLN B 43 14.10 5.61 -2.68
C GLN B 43 14.58 6.98 -3.18
N ASN B 44 13.68 7.85 -3.64
CA ASN B 44 14.01 8.99 -4.52
C ASN B 44 13.67 10.38 -3.95
N LEU B 45 13.06 10.48 -2.76
CA LEU B 45 12.95 11.76 -2.04
C LEU B 45 14.31 12.20 -1.46
N LYS B 46 14.51 13.51 -1.32
CA LYS B 46 15.74 14.19 -0.87
C LYS B 46 15.44 15.32 0.12
#